data_3TB9
#
_entry.id   3TB9
#
_cell.length_a   107.886
_cell.length_b   116.959
_cell.length_c   64.329
_cell.angle_alpha   90.00
_cell.angle_beta   90.00
_cell.angle_gamma   90.00
#
_symmetry.space_group_name_H-M   'P 21 21 2'
#
loop_
_entity.id
_entity.type
_entity.pdbx_description
1 polymer 'Ribonucleoside-diphosphate reductase large chain 1'
2 non-polymer "CYTIDINE-5'-DIPHOSPHATE"
3 non-polymer 'PHOSPHOAMINOPHOSPHONIC ACID-ADENYLATE ESTER'
4 non-polymer 'MAGNESIUM ION'
5 water water
#
_entity_poly.entity_id   1
_entity_poly.type   'polypeptide(L)'
_entity_poly.pdbx_seq_one_letter_code
;MYVYKRDGRKEPVQFDKITARISRLCYGLDPKHIDAVKVTQRIISGVYEGVTTIELDNLAAETCAYMTTVHPDYATLAAR
IAISNLHKQTTKQFSKVVEDLYRYVNAATGKPAPMISDDVYNIVMENKDKLNSAIVYDRDFQYSYFGFKTLERSYLLRIN
GQVAERPQHLIMRVALGIHGRDIEAALETYNLMSLKYFTHASPTLFNAGTPKPQMSSCFLVAMKEDSIEGIYDTLKECAL
ISKTAGGIGLHIHNIRSTGSYIAGTNGTSNGLIPMIRVFNNTARYVDAGGNKRPGAFALYLEPWHADIFDFIDIRKNHGK
EEIRARDLFPALWIPDLFMKRVEENGTWTLFSPTSAPGLSDCYGDEFEALYTRYEKEGRGKTIKAQKLWYSILEAQTETG
TPFVVYKDACNRKSNQKNLGVIKSSNLCCEIVEYSAPDETAVCNLASVALPAFIETSEDGKTSTYNFKKLHEIAKVVTRN
LNRVIDRNYYPVEEARKSNMRHRPIALGVQGLADTFMLLRLPFDSEEARLLNIQIFETIYHASMEASCELAQKDGPYETF
QGSPASQGILQFDMWDQKPYGMWDWDTLRKDIMKHGVRNSLTMAPMPTASTSQILGYNECFEPVTSNMYSRRVLSGEFQV
VNPYLLRDLVDLGIWDEGMKQYLITQNGSIQGLPNVPQELKDLYKTVWEISQKTIINMAADRSVYIDQSHSLNLFLRAPT
MGKLTSMHFYGWKKGLKTGMYYLRTQAASAAIQFTIDQKIADQATENVADISNLKRPSYMPSSASYAASDFVPAAVTANA
TIPSLDSSSEASREASPAPTGSHSLTKGMAELNVQESKVEVPEVPAPTKNEEKAAPIVDDEETEFDIYNSKVIACAIDNP
EACEMCSG
;
_entity_poly.pdbx_strand_id   A
#
# COMPACT_ATOMS: atom_id res chain seq x y z
N GLN A 89 27.62 24.47 -1.36
CA GLN A 89 26.79 23.97 -0.20
C GLN A 89 26.90 22.45 -0.01
N THR A 90 27.33 21.75 -1.07
CA THR A 90 27.52 20.31 -1.01
C THR A 90 28.71 19.87 -1.87
N THR A 91 29.58 19.05 -1.29
CA THR A 91 30.64 18.34 -2.03
C THR A 91 30.03 17.68 -3.28
N LYS A 92 30.76 17.73 -4.41
CA LYS A 92 30.25 17.13 -5.63
C LYS A 92 30.57 15.64 -5.76
N GLN A 93 31.82 15.25 -5.52
CA GLN A 93 32.24 13.87 -5.75
C GLN A 93 31.53 12.86 -4.82
N PHE A 94 30.92 11.86 -5.43
CA PHE A 94 30.10 10.88 -4.71
C PHE A 94 30.89 10.09 -3.68
N SER A 95 32.04 9.53 -4.09
CA SER A 95 32.89 8.77 -3.17
C SER A 95 33.40 9.63 -2.01
N LYS A 96 33.64 10.91 -2.28
CA LYS A 96 33.97 11.88 -1.24
C LYS A 96 32.82 12.02 -0.22
N VAL A 97 31.59 12.13 -0.74
CA VAL A 97 30.37 12.18 0.09
C VAL A 97 30.16 10.87 0.90
N VAL A 98 30.36 9.74 0.25
CA VAL A 98 30.34 8.44 0.94
C VAL A 98 31.34 8.39 2.09
N GLU A 99 32.56 8.87 1.84
CA GLU A 99 33.61 8.93 2.85
C GLU A 99 33.21 9.75 4.08
N ASP A 100 32.69 10.96 3.85
CA ASP A 100 32.19 11.80 4.94
C ASP A 100 31.09 11.13 5.79
N LEU A 101 30.15 10.46 5.12
CA LEU A 101 29.02 9.81 5.80
C LEU A 101 29.48 8.61 6.60
N TYR A 102 30.41 7.85 6.00
CA TYR A 102 30.97 6.68 6.64
C TYR A 102 31.86 7.01 7.85
N ARG A 103 32.63 8.09 7.75
CA ARG A 103 33.58 8.49 8.80
C ARG A 103 32.92 9.31 9.90
N TYR A 104 31.67 9.71 9.68
CA TYR A 104 30.92 10.58 10.58
C TYR A 104 31.03 10.16 12.04
N VAL A 105 31.19 11.18 12.89
CA VAL A 105 31.32 11.03 14.35
C VAL A 105 30.36 12.01 15.03
N ASN A 106 29.58 11.49 15.97
CA ASN A 106 28.70 12.34 16.75
C ASN A 106 29.56 13.18 17.71
N ALA A 107 29.76 14.44 17.39
CA ALA A 107 30.63 15.33 18.20
C ALA A 107 30.23 15.42 19.68
N ALA A 108 28.93 15.35 19.96
CA ALA A 108 28.42 15.59 21.32
C ALA A 108 28.78 14.46 22.29
N THR A 109 28.98 13.25 21.75
CA THR A 109 29.26 12.06 22.55
C THR A 109 30.61 11.43 22.24
N GLY A 110 31.19 11.80 21.09
CA GLY A 110 32.43 11.20 20.61
C GLY A 110 32.30 9.79 20.05
N LYS A 111 31.06 9.38 19.79
CA LYS A 111 30.76 8.06 19.22
C LYS A 111 30.85 8.10 17.70
N PRO A 112 31.60 7.16 17.11
CA PRO A 112 31.53 7.09 15.66
C PRO A 112 30.11 6.63 15.27
N ALA A 113 29.54 7.33 14.29
CA ALA A 113 28.17 7.05 13.83
C ALA A 113 28.13 6.97 12.31
N PRO A 114 28.70 5.90 11.72
CA PRO A 114 28.66 5.71 10.28
C PRO A 114 27.23 5.72 9.75
N MET A 115 27.02 6.39 8.62
CA MET A 115 25.72 6.44 7.99
C MET A 115 25.73 5.62 6.71
N ILE A 116 26.80 4.84 6.53
CA ILE A 116 26.99 3.93 5.39
C ILE A 116 27.50 2.61 5.94
N SER A 117 27.00 1.49 5.41
CA SER A 117 27.43 0.17 5.86
C SER A 117 28.87 -0.14 5.42
N ASP A 118 29.52 -1.06 6.14
CA ASP A 118 30.83 -1.55 5.74
C ASP A 118 30.75 -1.96 4.28
N ASP A 119 29.80 -2.84 3.99
CA ASP A 119 29.53 -3.39 2.66
C ASP A 119 29.55 -2.34 1.54
N VAL A 120 28.64 -1.37 1.60
CA VAL A 120 28.53 -0.35 0.54
C VAL A 120 29.78 0.54 0.45
N TYR A 121 30.37 0.85 1.61
CA TYR A 121 31.61 1.62 1.62
C TYR A 121 32.73 0.92 0.85
N ASN A 122 33.00 -0.35 1.19
CA ASN A 122 33.99 -1.14 0.48
C ASN A 122 33.69 -1.28 -1.01
N ILE A 123 32.41 -1.40 -1.37
CA ILE A 123 31.99 -1.44 -2.78
C ILE A 123 32.33 -0.13 -3.49
N VAL A 124 31.99 0.99 -2.87
CA VAL A 124 32.18 2.31 -3.47
C VAL A 124 33.68 2.65 -3.69
N MET A 125 34.52 2.30 -2.70
CA MET A 125 35.95 2.56 -2.76
C MET A 125 36.66 1.72 -3.83
N GLU A 126 36.17 0.52 -4.08
CA GLU A 126 36.75 -0.37 -5.07
C GLU A 126 36.29 -0.04 -6.50
N ASN A 127 35.37 0.92 -6.61
CA ASN A 127 34.74 1.23 -7.88
C ASN A 127 34.52 2.72 -8.04
N LYS A 128 35.32 3.53 -7.36
CA LYS A 128 35.01 4.96 -7.25
C LYS A 128 34.96 5.74 -8.58
N ASP A 129 35.80 5.36 -9.54
CA ASP A 129 35.88 6.12 -10.79
C ASP A 129 34.72 5.85 -11.73
N LYS A 130 34.37 4.56 -11.88
CA LYS A 130 33.15 4.15 -12.58
C LYS A 130 31.91 4.84 -11.96
N LEU A 131 31.80 4.75 -10.64
CA LEU A 131 30.68 5.31 -9.88
C LEU A 131 30.52 6.82 -9.96
N ASN A 132 31.60 7.55 -9.68
CA ASN A 132 31.59 9.03 -9.71
C ASN A 132 31.24 9.62 -11.07
N SER A 133 31.71 8.96 -12.12
CA SER A 133 31.55 9.43 -13.49
C SER A 133 30.20 9.03 -14.10
N ALA A 134 29.50 8.08 -13.48
CA ALA A 134 28.17 7.67 -13.92
C ALA A 134 27.08 8.69 -13.58
N ILE A 135 27.21 9.35 -12.42
CA ILE A 135 26.20 10.32 -11.98
C ILE A 135 26.09 11.49 -12.94
N VAL A 136 24.86 11.83 -13.31
CA VAL A 136 24.57 13.00 -14.13
C VAL A 136 23.88 14.03 -13.23
N TYR A 137 24.63 15.02 -12.75
CA TYR A 137 24.09 16.02 -11.79
C TYR A 137 23.07 16.98 -12.39
N ASP A 138 23.03 17.07 -13.72
CA ASP A 138 21.95 17.79 -14.41
C ASP A 138 20.59 17.34 -13.89
N ARG A 139 20.51 16.06 -13.52
CA ARG A 139 19.24 15.39 -13.19
C ARG A 139 18.60 15.83 -11.88
N ASP A 140 19.33 16.56 -11.03
CA ASP A 140 18.77 17.17 -9.82
C ASP A 140 17.66 18.19 -10.12
N PHE A 141 17.61 18.67 -11.37
CA PHE A 141 16.60 19.65 -11.80
C PHE A 141 15.35 19.00 -12.40
N GLN A 142 15.31 17.67 -12.40
CA GLN A 142 14.09 16.94 -12.79
C GLN A 142 13.01 17.01 -11.69
N TYR A 143 13.37 17.60 -10.54
CA TYR A 143 12.46 17.74 -9.41
C TYR A 143 11.80 19.11 -9.37
N SER A 144 10.63 19.19 -8.77
CA SER A 144 9.95 20.44 -8.53
C SER A 144 10.49 21.04 -7.21
N TYR A 145 10.08 22.26 -6.89
CA TYR A 145 10.44 22.90 -5.63
C TYR A 145 9.95 22.08 -4.42
N PHE A 146 8.70 21.63 -4.48
CA PHE A 146 8.07 20.89 -3.38
C PHE A 146 8.54 19.43 -3.33
N GLY A 147 9.00 18.92 -4.47
CA GLY A 147 9.62 17.59 -4.55
C GLY A 147 11.00 17.60 -3.94
N PHE A 148 11.77 18.65 -4.25
CA PHE A 148 13.10 18.85 -3.69
C PHE A 148 13.03 19.05 -2.18
N LYS A 149 12.13 19.92 -1.74
CA LYS A 149 11.92 20.21 -0.32
C LYS A 149 11.50 18.96 0.46
N THR A 150 10.73 18.09 -0.20
CA THR A 150 10.36 16.80 0.38
C THR A 150 11.61 15.96 0.62
N LEU A 151 12.45 15.85 -0.40
CA LEU A 151 13.74 15.12 -0.31
C LEU A 151 14.67 15.73 0.75
N GLU A 152 14.85 17.05 0.64
CA GLU A 152 15.71 17.79 1.55
C GLU A 152 15.31 17.59 3.01
N ARG A 153 14.02 17.72 3.32
CA ARG A 153 13.59 17.73 4.71
C ARG A 153 13.65 16.35 5.37
N SER A 154 13.51 15.28 4.58
CA SER A 154 13.41 13.94 5.18
C SER A 154 14.34 12.87 4.60
N TYR A 155 14.80 13.05 3.37
CA TYR A 155 15.41 11.91 2.66
C TYR A 155 16.92 11.96 2.56
N LEU A 156 17.44 13.12 2.14
CA LEU A 156 18.88 13.32 2.00
C LEU A 156 19.57 13.27 3.36
N LEU A 157 20.64 12.47 3.42
CA LEU A 157 21.38 12.26 4.65
C LEU A 157 22.04 13.54 5.16
N ARG A 158 21.98 13.73 6.47
CA ARG A 158 22.46 14.95 7.10
C ARG A 158 23.73 14.70 7.94
N ILE A 159 24.66 15.65 7.84
CA ILE A 159 25.82 15.71 8.72
C ILE A 159 25.72 16.96 9.62
N ASN A 160 25.40 16.71 10.89
CA ASN A 160 25.26 17.76 11.88
C ASN A 160 24.18 18.78 11.50
N GLY A 161 23.03 18.28 11.07
CA GLY A 161 21.86 19.12 10.73
C GLY A 161 21.93 19.71 9.34
N GLN A 162 23.03 19.44 8.65
CA GLN A 162 23.24 20.02 7.33
C GLN A 162 23.14 18.89 6.31
N VAL A 163 22.45 19.17 5.20
CA VAL A 163 22.32 18.22 4.09
C VAL A 163 23.70 17.88 3.54
N ALA A 164 24.05 16.60 3.57
CA ALA A 164 25.33 16.10 3.04
C ALA A 164 25.16 15.50 1.65
N GLU A 165 23.97 14.95 1.37
CA GLU A 165 23.69 14.26 0.11
C GLU A 165 22.99 15.13 -0.93
N ARG A 166 23.41 15.01 -2.18
CA ARG A 166 22.65 15.51 -3.33
C ARG A 166 21.63 14.45 -3.72
N PRO A 167 20.51 14.86 -4.36
CA PRO A 167 19.55 13.84 -4.86
C PRO A 167 20.21 12.71 -5.64
N GLN A 168 21.19 13.02 -6.50
CA GLN A 168 21.88 11.98 -7.27
C GLN A 168 22.66 11.05 -6.37
N HIS A 169 23.19 11.57 -5.27
CA HIS A 169 23.90 10.72 -4.31
C HIS A 169 22.95 9.77 -3.57
N LEU A 170 21.80 10.28 -3.13
CA LEU A 170 20.77 9.44 -2.51
C LEU A 170 20.40 8.27 -3.44
N ILE A 171 20.19 8.56 -4.71
CA ILE A 171 19.79 7.55 -5.70
C ILE A 171 20.88 6.50 -5.96
N MET A 172 22.15 6.90 -5.93
CA MET A 172 23.22 5.93 -6.18
C MET A 172 23.48 5.14 -4.91
N ARG A 173 23.31 5.78 -3.76
CA ARG A 173 23.37 5.05 -2.48
C ARG A 173 22.28 3.95 -2.44
N VAL A 174 21.07 4.28 -2.88
CA VAL A 174 19.98 3.32 -2.93
C VAL A 174 20.31 2.18 -3.90
N ALA A 175 20.80 2.54 -5.09
CA ALA A 175 21.14 1.55 -6.12
C ALA A 175 22.16 0.52 -5.63
N LEU A 176 23.24 0.99 -4.98
CA LEU A 176 24.26 0.09 -4.42
C LEU A 176 23.72 -0.67 -3.23
N GLY A 177 22.90 0.00 -2.42
CA GLY A 177 22.28 -0.65 -1.27
C GLY A 177 21.45 -1.85 -1.68
N ILE A 178 20.81 -1.75 -2.84
CA ILE A 178 20.01 -2.85 -3.35
C ILE A 178 20.92 -3.92 -3.98
N HIS A 179 21.77 -3.47 -4.91
CA HIS A 179 22.47 -4.36 -5.82
C HIS A 179 23.84 -4.89 -5.38
N GLY A 180 24.49 -4.18 -4.45
CA GLY A 180 25.78 -4.57 -3.91
C GLY A 180 26.87 -4.61 -4.97
N ARG A 181 27.56 -5.75 -5.05
CA ARG A 181 28.67 -5.97 -6.01
C ARG A 181 28.25 -5.95 -7.49
N ASP A 182 26.97 -6.16 -7.77
CA ASP A 182 26.44 -6.14 -9.15
C ASP A 182 26.41 -4.69 -9.67
N ILE A 183 27.60 -4.16 -9.99
CA ILE A 183 27.74 -2.77 -10.43
C ILE A 183 26.85 -2.44 -11.62
N GLU A 184 26.69 -3.41 -12.51
CA GLU A 184 25.89 -3.24 -13.72
C GLU A 184 24.40 -2.98 -13.44
N ALA A 185 23.82 -3.85 -12.62
CA ALA A 185 22.46 -3.69 -12.12
C ALA A 185 22.30 -2.35 -11.36
N ALA A 186 23.28 -2.02 -10.53
CA ALA A 186 23.30 -0.75 -9.80
C ALA A 186 23.20 0.43 -10.75
N LEU A 187 24.03 0.39 -11.79
CA LEU A 187 24.08 1.46 -12.78
C LEU A 187 22.76 1.61 -13.54
N GLU A 188 22.17 0.49 -13.94
CA GLU A 188 20.85 0.49 -14.57
C GLU A 188 19.74 1.10 -13.65
N THR A 189 19.75 0.71 -12.37
CA THR A 189 18.81 1.27 -11.40
C THR A 189 19.08 2.76 -11.16
N TYR A 190 20.35 3.15 -11.05
CA TYR A 190 20.67 4.58 -10.99
C TYR A 190 20.06 5.34 -12.18
N ASN A 191 20.32 4.88 -13.40
CA ASN A 191 19.79 5.60 -14.56
C ASN A 191 18.26 5.68 -14.62
N LEU A 192 17.57 4.62 -14.23
CA LEU A 192 16.12 4.59 -14.36
C LEU A 192 15.45 5.41 -13.27
N MET A 193 16.01 5.37 -12.06
CA MET A 193 15.46 6.17 -10.98
C MET A 193 15.74 7.65 -11.18
N SER A 194 16.96 7.97 -11.60
CA SER A 194 17.37 9.35 -11.79
C SER A 194 16.60 10.04 -12.91
N LEU A 195 16.11 9.25 -13.87
CA LEU A 195 15.24 9.71 -14.97
C LEU A 195 13.74 9.58 -14.63
N LYS A 196 13.47 9.11 -13.42
CA LYS A 196 12.12 9.09 -12.82
C LYS A 196 11.19 8.10 -13.48
N TYR A 197 11.74 6.93 -13.82
CA TYR A 197 10.93 5.86 -14.38
C TYR A 197 10.17 5.17 -13.28
N PHE A 198 10.82 5.06 -12.11
CA PHE A 198 10.29 4.41 -10.92
C PHE A 198 11.01 4.88 -9.66
N THR A 199 10.41 4.60 -8.51
CA THR A 199 11.06 4.84 -7.23
C THR A 199 10.73 3.74 -6.26
N HIS A 200 11.54 3.63 -5.21
CA HIS A 200 11.23 2.72 -4.13
C HIS A 200 10.53 3.48 -3.02
N ALA A 201 9.91 2.73 -2.10
CA ALA A 201 9.14 3.30 -0.99
C ALA A 201 10.09 3.99 -0.02
N SER A 202 9.54 4.87 0.80
CA SER A 202 10.33 5.71 1.69
C SER A 202 11.40 4.97 2.50
N PRO A 203 11.07 3.86 3.18
CA PRO A 203 12.07 3.17 4.03
C PRO A 203 13.29 2.66 3.26
N THR A 204 13.08 2.26 2.02
CA THR A 204 14.18 1.93 1.12
C THR A 204 15.00 3.18 0.84
N LEU A 205 14.36 4.34 0.65
CA LEU A 205 15.06 5.58 0.33
C LEU A 205 15.82 6.12 1.54
N PHE A 206 15.23 5.94 2.72
CA PHE A 206 15.88 6.25 4.00
C PHE A 206 17.09 5.36 4.25
N ASN A 207 16.92 4.05 4.11
CA ASN A 207 17.83 3.11 4.76
C ASN A 207 18.70 2.26 3.86
N ALA A 208 18.40 2.22 2.56
CA ALA A 208 19.26 1.53 1.60
C ALA A 208 20.70 2.08 1.67
N GLY A 209 21.68 1.19 1.81
CA GLY A 209 23.09 1.59 1.85
C GLY A 209 23.63 1.95 3.24
N THR A 210 22.77 1.92 4.27
CA THR A 210 23.11 2.37 5.61
C THR A 210 23.28 1.14 6.50
N PRO A 211 23.90 1.30 7.69
CA PRO A 211 24.24 0.17 8.59
C PRO A 211 23.10 -0.77 9.04
N LYS A 212 21.93 -0.24 9.39
CA LYS A 212 20.75 -1.11 9.67
C LYS A 212 19.70 -0.94 8.58
N PRO A 213 19.90 -1.59 7.42
CA PRO A 213 19.08 -1.21 6.27
C PRO A 213 17.70 -1.91 6.33
N GLN A 214 16.78 -1.31 7.08
CA GLN A 214 15.42 -1.80 7.20
C GLN A 214 14.62 -1.11 6.12
N MET A 215 14.35 -1.85 5.06
CA MET A 215 13.84 -1.28 3.81
C MET A 215 12.35 -1.59 3.55
N SER A 216 11.78 -2.45 4.39
CA SER A 216 10.36 -2.86 4.30
C SER A 216 9.37 -1.84 4.87
N SER A 217 8.23 -1.69 4.20
CA SER A 217 7.24 -0.71 4.59
C SER A 217 6.13 -1.26 5.46
N CYS A 218 5.94 -2.57 5.44
CA CYS A 218 4.69 -3.18 5.89
C CYS A 218 4.99 -4.42 6.70
N PHE A 219 4.34 -4.51 7.85
CA PHE A 219 4.44 -5.67 8.73
C PHE A 219 3.02 -6.11 9.11
N LEU A 220 2.71 -7.38 8.95
CA LEU A 220 1.41 -7.87 9.44
C LEU A 220 1.63 -8.85 10.56
N VAL A 221 1.10 -8.48 11.72
CA VAL A 221 1.40 -9.13 12.99
C VAL A 221 0.18 -9.82 13.56
N ALA A 222 0.34 -11.10 13.91
CA ALA A 222 -0.65 -11.86 14.66
C ALA A 222 -0.54 -11.62 16.18
N MET A 223 -1.64 -11.22 16.82
CA MET A 223 -1.74 -11.31 18.30
C MET A 223 -1.40 -12.74 18.77
N LYS A 224 -0.34 -12.88 19.55
CA LYS A 224 0.25 -14.23 19.78
C LYS A 224 -0.63 -15.22 20.49
N GLU A 225 -1.45 -14.77 21.43
CA GLU A 225 -2.20 -15.70 22.28
C GLU A 225 -3.09 -14.86 23.17
N ASP A 226 -4.26 -15.39 23.52
CA ASP A 226 -5.19 -14.72 24.42
C ASP A 226 -4.76 -14.87 25.88
N SER A 227 -3.70 -14.16 26.25
CA SER A 227 -3.11 -14.26 27.56
C SER A 227 -2.32 -13.00 27.79
N ILE A 228 -2.09 -12.65 29.04
CA ILE A 228 -1.21 -11.53 29.40
C ILE A 228 0.19 -11.71 28.78
N GLU A 229 0.77 -12.89 28.87
CA GLU A 229 2.04 -13.19 28.23
C GLU A 229 2.05 -12.97 26.70
N GLY A 230 1.02 -13.45 26.01
CA GLY A 230 0.93 -13.25 24.57
C GLY A 230 0.67 -11.82 24.18
N ILE A 231 -0.19 -11.12 24.94
CA ILE A 231 -0.44 -9.71 24.70
C ILE A 231 0.86 -8.88 24.79
N TYR A 232 1.63 -9.13 25.86
CA TYR A 232 2.87 -8.41 26.15
C TYR A 232 4.03 -8.83 25.23
N ASP A 233 4.10 -10.10 24.83
CA ASP A 233 5.03 -10.51 23.74
C ASP A 233 4.68 -9.80 22.41
N THR A 234 3.40 -9.73 22.10
CA THR A 234 2.97 -9.01 20.90
C THR A 234 3.33 -7.54 20.98
N LEU A 235 3.13 -6.94 22.15
CA LEU A 235 3.42 -5.51 22.38
C LEU A 235 4.92 -5.17 22.19
N LYS A 236 5.78 -6.02 22.73
CA LYS A 236 7.21 -5.92 22.55
C LYS A 236 7.58 -5.99 21.07
N GLU A 237 6.94 -6.90 20.35
CA GLU A 237 7.23 -7.06 18.93
C GLU A 237 6.83 -5.83 18.11
N CYS A 238 5.64 -5.28 18.37
CA CYS A 238 5.22 -4.01 17.74
C CYS A 238 6.14 -2.84 18.08
N ALA A 239 6.56 -2.75 19.34
CA ALA A 239 7.51 -1.73 19.78
C ALA A 239 8.80 -1.79 18.98
N LEU A 240 9.39 -2.99 18.87
CA LEU A 240 10.63 -3.22 18.11
C LEU A 240 10.52 -2.96 16.61
N ILE A 241 9.38 -3.32 16.00
CA ILE A 241 9.10 -2.98 14.58
C ILE A 241 8.92 -1.48 14.36
N SER A 242 8.26 -0.82 15.32
CA SER A 242 8.01 0.62 15.28
C SER A 242 9.25 1.49 15.55
N LYS A 243 10.28 0.89 16.15
CA LYS A 243 11.55 1.56 16.37
C LYS A 243 12.13 1.94 15.01
N THR A 244 11.87 1.08 14.02
CA THR A 244 12.35 1.25 12.64
C THR A 244 11.22 1.90 11.83
N ALA A 245 11.35 1.91 10.52
CA ALA A 245 10.31 2.59 9.73
C ALA A 245 9.26 1.58 9.21
N GLY A 246 8.03 2.03 9.03
CA GLY A 246 7.01 1.13 8.47
C GLY A 246 5.87 0.71 9.38
N GLY A 247 4.72 0.51 8.76
CA GLY A 247 3.46 0.39 9.47
C GLY A 247 3.20 -1.01 9.92
N ILE A 248 2.25 -1.13 10.82
CA ILE A 248 1.81 -2.41 11.33
C ILE A 248 0.34 -2.58 11.06
N GLY A 249 0.00 -3.72 10.47
CA GLY A 249 -1.35 -4.26 10.56
C GLY A 249 -1.37 -5.33 11.64
N LEU A 250 -2.27 -5.17 12.61
CA LEU A 250 -2.39 -6.11 13.75
C LEU A 250 -3.80 -6.70 13.91
N HIS A 251 -3.90 -8.03 13.80
CA HIS A 251 -5.17 -8.69 14.05
C HIS A 251 -5.32 -9.21 15.47
N ILE A 252 -6.51 -8.98 16.02
CA ILE A 252 -6.78 -9.17 17.44
C ILE A 252 -8.09 -9.96 17.65
N HIS A 253 -8.51 -10.73 16.64
CA HIS A 253 -9.78 -11.48 16.70
C HIS A 253 -9.83 -12.47 17.85
N ASN A 254 -8.65 -12.82 18.38
CA ASN A 254 -8.53 -13.96 19.29
C ASN A 254 -8.55 -13.52 20.76
N ILE A 255 -8.72 -12.22 21.00
CA ILE A 255 -8.79 -11.68 22.35
C ILE A 255 -10.22 -11.74 22.89
N ARG A 256 -10.35 -12.35 24.07
CA ARG A 256 -11.66 -12.49 24.70
C ARG A 256 -12.29 -11.13 25.02
N SER A 257 -13.61 -11.06 24.93
CA SER A 257 -14.34 -9.79 25.02
C SER A 257 -14.73 -9.40 26.46
N THR A 258 -15.14 -8.15 26.64
CA THR A 258 -15.59 -7.61 27.92
C THR A 258 -16.50 -8.57 28.65
N GLY A 259 -16.21 -8.81 29.92
CA GLY A 259 -17.08 -9.67 30.73
C GLY A 259 -16.75 -11.14 30.69
N SER A 260 -15.83 -11.57 29.82
CA SER A 260 -15.48 -12.99 29.73
C SER A 260 -14.75 -13.50 30.98
N TYR A 261 -14.94 -14.78 31.21
CA TYR A 261 -14.38 -15.47 32.33
C TYR A 261 -12.85 -15.52 32.24
N ILE A 262 -12.19 -15.33 33.39
CA ILE A 262 -10.76 -15.66 33.55
C ILE A 262 -10.61 -16.70 34.65
N ALA A 263 -9.94 -17.81 34.34
CA ALA A 263 -9.67 -18.85 35.33
C ALA A 263 -8.64 -18.39 36.35
N GLY A 264 -9.05 -18.36 37.62
CA GLY A 264 -8.17 -17.97 38.72
C GLY A 264 -8.51 -16.65 39.39
N THR A 265 -9.58 -16.00 38.96
CA THR A 265 -10.06 -14.77 39.60
C THR A 265 -11.56 -14.68 39.52
N ASN A 266 -12.14 -13.89 40.42
CA ASN A 266 -13.58 -13.65 40.41
C ASN A 266 -13.91 -12.51 39.44
N GLY A 267 -12.91 -11.69 39.16
CA GLY A 267 -13.03 -10.62 38.16
C GLY A 267 -13.07 -11.18 36.74
N THR A 268 -13.46 -10.32 35.79
CA THR A 268 -13.62 -10.72 34.42
C THR A 268 -12.74 -9.88 33.50
N SER A 269 -12.70 -10.24 32.21
CA SER A 269 -11.98 -9.45 31.23
C SER A 269 -12.65 -8.10 31.06
N ASN A 270 -11.85 -7.07 30.84
CA ASN A 270 -12.37 -5.76 30.50
C ASN A 270 -12.35 -5.57 28.99
N GLY A 271 -11.97 -6.64 28.27
CA GLY A 271 -12.08 -6.69 26.83
C GLY A 271 -11.00 -5.96 26.06
N LEU A 272 -11.35 -5.56 24.83
CA LEU A 272 -10.42 -5.01 23.84
C LEU A 272 -9.96 -3.60 24.09
N ILE A 273 -10.89 -2.71 24.45
CA ILE A 273 -10.61 -1.28 24.55
C ILE A 273 -9.45 -0.95 25.49
N PRO A 274 -9.45 -1.45 26.75
CA PRO A 274 -8.29 -1.33 27.65
C PRO A 274 -6.99 -1.86 27.04
N MET A 275 -7.07 -2.99 26.33
CA MET A 275 -5.87 -3.56 25.70
C MET A 275 -5.42 -2.69 24.51
N ILE A 276 -6.38 -2.15 23.77
CA ILE A 276 -6.06 -1.24 22.68
C ILE A 276 -5.35 0.01 23.21
N ARG A 277 -5.76 0.48 24.39
CA ARG A 277 -5.12 1.66 25.02
C ARG A 277 -3.65 1.41 25.37
N VAL A 278 -3.34 0.19 25.80
CA VAL A 278 -1.96 -0.23 25.99
C VAL A 278 -1.15 -0.09 24.67
N PHE A 279 -1.69 -0.61 23.57
CA PHE A 279 -0.99 -0.51 22.28
C PHE A 279 -0.87 0.96 21.82
N ASN A 280 -1.94 1.74 22.05
CA ASN A 280 -1.94 3.15 21.66
C ASN A 280 -0.77 3.85 22.33
N ASN A 281 -0.68 3.67 23.64
CA ASN A 281 0.39 4.25 24.40
C ASN A 281 1.81 3.82 23.99
N THR A 282 2.00 2.57 23.57
CA THR A 282 3.29 2.16 23.05
C THR A 282 3.58 2.84 21.70
N ALA A 283 2.56 2.91 20.83
CA ALA A 283 2.72 3.60 19.55
C ALA A 283 3.26 5.02 19.77
N ARG A 284 2.71 5.73 20.77
CA ARG A 284 3.13 7.10 21.07
C ARG A 284 4.54 7.18 21.66
N TYR A 285 4.89 6.22 22.52
CA TYR A 285 6.19 6.20 23.17
C TYR A 285 7.36 5.91 22.20
N VAL A 286 7.22 4.94 21.32
CA VAL A 286 8.36 4.54 20.50
C VAL A 286 8.38 5.31 19.15
N ASP A 287 9.32 6.24 19.04
CA ASP A 287 9.41 7.12 17.86
C ASP A 287 9.92 6.42 16.56
N GLY A 295 1.80 6.93 16.40
CA GLY A 295 0.79 6.28 15.55
C GLY A 295 1.38 5.19 14.65
N ALA A 296 0.62 4.83 13.60
CA ALA A 296 1.03 3.90 12.52
C ALA A 296 0.74 2.42 12.77
N PHE A 297 -0.38 2.16 13.45
CA PHE A 297 -0.88 0.81 13.65
C PHE A 297 -2.30 0.80 13.10
N ALA A 298 -2.60 -0.16 12.25
CA ALA A 298 -3.98 -0.52 11.98
C ALA A 298 -4.38 -1.79 12.75
N LEU A 299 -5.58 -1.78 13.32
CA LEU A 299 -6.10 -2.95 14.03
C LEU A 299 -7.20 -3.62 13.24
N TYR A 300 -7.13 -4.94 13.14
CA TYR A 300 -8.06 -5.72 12.34
C TYR A 300 -8.92 -6.55 13.25
N LEU A 301 -10.24 -6.47 13.02
CA LEU A 301 -11.21 -7.26 13.76
C LEU A 301 -12.37 -7.70 12.85
N GLU A 302 -12.82 -8.94 13.01
CA GLU A 302 -14.07 -9.43 12.38
C GLU A 302 -15.30 -8.95 13.16
N PRO A 303 -16.37 -8.51 12.45
CA PRO A 303 -17.51 -7.89 13.12
C PRO A 303 -18.45 -8.80 13.96
N TRP A 304 -18.14 -10.08 14.14
CA TRP A 304 -18.88 -10.89 15.12
C TRP A 304 -18.29 -10.79 16.52
N HIS A 305 -17.12 -10.13 16.68
CA HIS A 305 -16.51 -9.98 17.99
C HIS A 305 -17.42 -9.14 18.89
N ALA A 306 -17.57 -9.51 20.16
CA ALA A 306 -18.57 -8.84 21.03
C ALA A 306 -18.19 -7.42 21.45
N ASP A 307 -16.93 -7.04 21.28
CA ASP A 307 -16.49 -5.68 21.55
C ASP A 307 -16.57 -4.78 20.33
N ILE A 308 -17.25 -5.22 19.27
CA ILE A 308 -17.22 -4.51 17.97
C ILE A 308 -17.71 -3.05 18.00
N PHE A 309 -18.78 -2.76 18.75
CA PHE A 309 -19.36 -1.42 18.78
C PHE A 309 -18.40 -0.36 19.33
N ASP A 310 -17.54 -0.74 20.26
CA ASP A 310 -16.58 0.20 20.80
C ASP A 310 -15.38 0.27 19.89
N PHE A 311 -15.01 -0.88 19.34
CA PHE A 311 -13.86 -0.98 18.43
C PHE A 311 -13.97 -0.03 17.24
N ILE A 312 -15.14 0.01 16.62
CA ILE A 312 -15.36 0.86 15.45
C ILE A 312 -15.36 2.38 15.77
N ASP A 313 -15.46 2.73 17.05
CA ASP A 313 -15.61 4.14 17.49
C ASP A 313 -14.36 4.76 18.09
N ILE A 314 -13.24 4.05 17.92
CA ILE A 314 -11.99 4.34 18.58
C ILE A 314 -11.33 5.67 18.15
N ARG A 315 -11.72 6.19 17.00
CA ARG A 315 -11.22 7.50 16.57
C ARG A 315 -12.19 8.67 16.73
N LYS A 316 -13.37 8.44 17.29
CA LYS A 316 -14.34 9.52 17.50
C LYS A 316 -13.73 10.62 18.37
N ASN A 317 -13.95 11.89 17.99
CA ASN A 317 -13.31 13.02 18.67
C ASN A 317 -14.12 13.56 19.87
N HIS A 318 -14.98 12.72 20.43
CA HIS A 318 -15.75 13.08 21.62
C HIS A 318 -15.84 11.87 22.53
N GLY A 319 -16.64 11.98 23.58
CA GLY A 319 -16.83 10.88 24.54
C GLY A 319 -15.66 10.64 25.49
N LYS A 320 -15.83 9.65 26.37
CA LYS A 320 -14.83 9.33 27.40
C LYS A 320 -13.44 9.04 26.82
N GLU A 321 -12.44 9.72 27.37
CA GLU A 321 -11.04 9.62 26.92
C GLU A 321 -10.45 8.21 27.04
N GLU A 322 -11.11 7.35 27.82
CA GLU A 322 -10.64 5.98 28.07
C GLU A 322 -11.38 4.91 27.26
N ILE A 323 -12.15 5.34 26.26
CA ILE A 323 -12.80 4.44 25.29
C ILE A 323 -12.23 4.71 23.88
N ARG A 324 -11.46 5.79 23.75
CA ARG A 324 -10.83 6.17 22.48
C ARG A 324 -9.35 5.74 22.42
N ALA A 325 -8.88 5.48 21.20
CA ALA A 325 -7.48 5.17 20.92
C ALA A 325 -7.10 5.89 19.63
N ARG A 326 -6.73 7.15 19.79
CA ARG A 326 -6.76 8.16 18.73
C ARG A 326 -5.63 8.07 17.70
N ASP A 327 -4.54 7.38 18.05
CA ASP A 327 -3.39 7.21 17.15
C ASP A 327 -3.42 5.87 16.36
N LEU A 328 -4.43 5.04 16.62
CA LEU A 328 -4.59 3.76 15.92
C LEU A 328 -5.78 3.81 14.94
N PHE A 329 -5.72 2.99 13.91
CA PHE A 329 -6.79 2.89 12.91
C PHE A 329 -7.50 1.55 13.01
N PRO A 330 -8.83 1.57 13.20
CA PRO A 330 -9.62 0.33 13.14
C PRO A 330 -9.91 -0.08 11.69
N ALA A 331 -9.77 -1.37 11.41
CA ALA A 331 -10.14 -1.93 10.13
C ALA A 331 -11.03 -3.12 10.39
N LEU A 332 -12.08 -3.25 9.60
CA LEU A 332 -12.99 -4.39 9.69
C LEU A 332 -12.52 -5.46 8.70
N TRP A 333 -12.47 -6.71 9.17
CA TRP A 333 -12.11 -7.86 8.37
C TRP A 333 -13.46 -8.60 8.19
N ILE A 334 -14.13 -8.36 7.06
CA ILE A 334 -15.57 -8.66 6.96
C ILE A 334 -15.91 -9.94 6.22
N PRO A 335 -16.54 -10.91 6.91
CA PRO A 335 -17.06 -12.09 6.22
C PRO A 335 -18.26 -11.78 5.28
N ASP A 336 -18.38 -12.53 4.20
CA ASP A 336 -19.53 -12.38 3.30
C ASP A 336 -20.87 -12.48 4.03
N LEU A 337 -20.94 -13.38 5.02
CA LEU A 337 -22.19 -13.64 5.76
C LEU A 337 -22.70 -12.37 6.43
N PHE A 338 -21.79 -11.53 6.93
CA PHE A 338 -22.23 -10.29 7.51
C PHE A 338 -22.97 -9.43 6.49
N MET A 339 -22.38 -9.29 5.31
CA MET A 339 -23.00 -8.49 4.25
C MET A 339 -24.37 -9.06 3.80
N LYS A 340 -24.49 -10.38 3.74
CA LYS A 340 -25.75 -11.07 3.41
C LYS A 340 -26.85 -10.78 4.46
N ARG A 341 -26.52 -10.94 5.75
CA ARG A 341 -27.45 -10.68 6.86
C ARG A 341 -27.94 -9.22 6.90
N VAL A 342 -27.06 -8.29 6.57
CA VAL A 342 -27.40 -6.85 6.51
C VAL A 342 -28.39 -6.56 5.37
N GLU A 343 -28.11 -7.17 4.23
CA GLU A 343 -28.89 -7.00 3.01
C GLU A 343 -30.26 -7.68 3.13
N GLU A 344 -30.30 -8.83 3.81
CA GLU A 344 -31.54 -9.50 4.16
C GLU A 344 -32.30 -8.80 5.30
N ASN A 345 -31.68 -7.82 5.95
CA ASN A 345 -32.22 -7.22 7.18
C ASN A 345 -32.46 -8.29 8.26
N GLY A 346 -31.48 -9.19 8.40
CA GLY A 346 -31.58 -10.31 9.32
C GLY A 346 -30.86 -10.08 10.63
N THR A 347 -30.63 -11.16 11.35
CA THR A 347 -29.92 -11.11 12.61
C THR A 347 -28.40 -11.23 12.42
N TRP A 348 -27.67 -10.86 13.47
CA TRP A 348 -26.23 -11.01 13.54
C TRP A 348 -25.87 -11.35 14.99
N THR A 349 -24.99 -12.33 15.17
CA THR A 349 -24.61 -12.75 16.51
C THR A 349 -23.16 -12.39 16.87
N LEU A 350 -22.99 -11.88 18.09
CA LEU A 350 -21.71 -11.47 18.63
C LEU A 350 -21.19 -12.51 19.62
N PHE A 351 -19.95 -12.94 19.41
CA PHE A 351 -19.33 -13.92 20.30
C PHE A 351 -18.04 -13.35 20.92
N SER A 352 -17.69 -13.87 22.11
CA SER A 352 -16.36 -13.81 22.60
C SER A 352 -15.69 -15.01 21.96
N PRO A 353 -14.46 -14.84 21.43
CA PRO A 353 -13.75 -15.93 20.80
C PRO A 353 -13.51 -17.16 21.71
N THR A 354 -13.61 -17.00 23.02
CA THR A 354 -13.50 -18.12 23.97
C THR A 354 -14.77 -18.94 24.04
N SER A 355 -15.91 -18.33 23.72
CA SER A 355 -17.18 -19.03 23.61
C SER A 355 -17.40 -19.63 22.21
N ALA A 356 -16.75 -19.05 21.20
CA ALA A 356 -16.90 -19.48 19.81
C ALA A 356 -15.56 -19.62 19.10
N PRO A 357 -14.76 -20.66 19.45
CA PRO A 357 -13.41 -20.77 18.94
C PRO A 357 -13.38 -21.09 17.46
N GLY A 358 -12.38 -20.59 16.73
CA GLY A 358 -12.09 -21.04 15.36
C GLY A 358 -12.65 -20.20 14.23
N LEU A 359 -13.45 -19.21 14.58
CA LEU A 359 -14.14 -18.39 13.61
C LEU A 359 -13.22 -17.62 12.63
N SER A 360 -12.06 -17.21 13.10
CA SER A 360 -11.14 -16.48 12.27
C SER A 360 -10.17 -17.42 11.54
N ASP A 361 -10.15 -18.70 11.92
CA ASP A 361 -9.29 -19.67 11.26
C ASP A 361 -10.02 -20.48 10.18
N CYS A 362 -11.13 -19.93 9.69
CA CYS A 362 -11.82 -20.44 8.49
C CYS A 362 -12.54 -19.31 7.76
N TYR A 363 -12.95 -19.58 6.53
CA TYR A 363 -13.61 -18.56 5.71
C TYR A 363 -14.62 -19.22 4.81
N GLY A 364 -15.34 -18.40 4.05
CA GLY A 364 -16.32 -18.88 3.10
C GLY A 364 -17.35 -19.82 3.72
N ASP A 365 -17.54 -20.97 3.08
CA ASP A 365 -18.58 -21.94 3.43
C ASP A 365 -18.34 -22.60 4.77
N GLU A 366 -17.08 -22.91 5.06
CA GLU A 366 -16.68 -23.46 6.36
C GLU A 366 -16.99 -22.46 7.47
N PHE A 367 -16.68 -21.18 7.26
CA PHE A 367 -17.02 -20.15 8.23
C PHE A 367 -18.53 -20.10 8.50
N GLU A 368 -19.32 -20.03 7.43
CA GLU A 368 -20.79 -19.97 7.54
C GLU A 368 -21.41 -21.14 8.30
N ALA A 369 -20.95 -22.35 7.99
CA ALA A 369 -21.39 -23.52 8.69
C ALA A 369 -21.04 -23.45 10.19
N LEU A 370 -19.79 -23.12 10.52
CA LEU A 370 -19.35 -23.04 11.90
C LEU A 370 -20.09 -21.92 12.65
N TYR A 371 -20.25 -20.79 11.97
CA TYR A 371 -20.90 -19.63 12.56
C TYR A 371 -22.39 -19.87 12.90
N THR A 372 -23.15 -20.40 11.95
CA THR A 372 -24.60 -20.61 12.16
C THR A 372 -24.87 -21.68 13.23
N ARG A 373 -23.94 -22.63 13.35
CA ARG A 373 -23.96 -23.63 14.40
C ARG A 373 -23.78 -23.05 15.82
N TYR A 374 -22.75 -22.23 16.02
CA TYR A 374 -22.56 -21.50 17.28
C TYR A 374 -23.74 -20.56 17.59
N GLU A 375 -24.27 -19.96 16.53
CA GLU A 375 -25.45 -19.08 16.62
C GLU A 375 -26.67 -19.89 17.15
N LYS A 376 -26.94 -21.03 16.52
CA LYS A 376 -28.03 -21.91 16.95
C LYS A 376 -27.88 -22.47 18.38
N GLU A 377 -26.64 -22.72 18.80
CA GLU A 377 -26.33 -23.25 20.13
C GLU A 377 -26.33 -22.23 21.28
N GLY A 378 -26.83 -21.03 21.04
CA GLY A 378 -26.91 -19.99 22.08
C GLY A 378 -25.59 -19.55 22.69
N ARG A 379 -24.48 -19.73 21.96
CA ARG A 379 -23.14 -19.35 22.46
C ARG A 379 -22.86 -17.84 22.47
N GLY A 380 -23.72 -17.05 21.82
CA GLY A 380 -23.50 -15.60 21.75
C GLY A 380 -24.72 -14.72 21.88
N LYS A 381 -24.56 -13.43 21.60
CA LYS A 381 -25.60 -12.44 21.75
C LYS A 381 -26.08 -11.93 20.39
N THR A 382 -27.35 -12.17 20.09
CA THR A 382 -27.93 -11.83 18.79
C THR A 382 -28.43 -10.38 18.76
N ILE A 383 -28.21 -9.71 17.62
CA ILE A 383 -28.71 -8.35 17.35
C ILE A 383 -29.29 -8.26 15.93
N LYS A 384 -29.90 -7.12 15.60
CA LYS A 384 -30.24 -6.80 14.24
C LYS A 384 -28.96 -6.38 13.50
N ALA A 385 -28.62 -7.09 12.43
CA ALA A 385 -27.41 -6.83 11.65
C ALA A 385 -27.30 -5.35 11.26
N GLN A 386 -28.42 -4.76 10.90
CA GLN A 386 -28.47 -3.38 10.45
C GLN A 386 -28.17 -2.37 11.56
N LYS A 387 -28.35 -2.79 12.81
CA LYS A 387 -27.95 -1.94 13.92
C LYS A 387 -26.41 -1.75 13.95
N LEU A 388 -25.65 -2.84 13.79
CA LEU A 388 -24.21 -2.78 13.58
C LEU A 388 -23.87 -2.01 12.31
N TRP A 389 -24.52 -2.37 11.21
CA TRP A 389 -24.28 -1.71 9.94
C TRP A 389 -24.36 -0.20 10.07
N TYR A 390 -25.40 0.27 10.76
CA TYR A 390 -25.60 1.70 10.94
C TYR A 390 -24.52 2.40 11.76
N SER A 391 -24.10 1.77 12.87
CA SER A 391 -23.02 2.28 13.71
C SER A 391 -21.69 2.38 12.94
N ILE A 392 -21.44 1.42 12.06
CA ILE A 392 -20.27 1.43 11.18
C ILE A 392 -20.27 2.63 10.22
N LEU A 393 -21.39 2.91 9.59
CA LEU A 393 -21.50 4.08 8.70
C LEU A 393 -21.39 5.40 9.43
N GLU A 394 -21.86 5.42 10.67
CA GLU A 394 -21.75 6.61 11.50
C GLU A 394 -20.28 6.90 11.76
N ALA A 395 -19.54 5.87 12.17
CA ALA A 395 -18.10 6.03 12.45
C ALA A 395 -17.34 6.42 11.18
N GLN A 396 -17.72 5.82 10.04
CA GLN A 396 -17.04 6.14 8.79
C GLN A 396 -17.32 7.58 8.38
N THR A 397 -18.58 7.99 8.47
CA THR A 397 -18.95 9.38 8.23
C THR A 397 -18.19 10.38 9.11
N GLU A 398 -18.01 10.05 10.40
CA GLU A 398 -17.36 10.97 11.32
C GLU A 398 -15.84 10.99 11.22
N THR A 399 -15.24 9.82 11.00
CA THR A 399 -13.81 9.68 11.25
C THR A 399 -13.05 9.18 10.02
N GLY A 400 -13.77 8.80 8.98
CA GLY A 400 -13.14 8.20 7.83
C GLY A 400 -12.85 6.72 8.00
N THR A 401 -13.11 6.17 9.19
CA THR A 401 -12.79 4.79 9.54
C THR A 401 -14.02 4.15 10.20
N PRO A 402 -14.05 2.81 10.37
CA PRO A 402 -13.10 1.74 10.01
C PRO A 402 -12.94 1.49 8.52
N PHE A 403 -11.76 1.04 8.15
CA PHE A 403 -11.47 0.55 6.80
C PHE A 403 -12.32 -0.69 6.56
N VAL A 404 -12.57 -1.04 5.31
CA VAL A 404 -13.34 -2.25 5.02
C VAL A 404 -12.56 -3.20 4.12
N VAL A 405 -12.22 -4.37 4.65
CA VAL A 405 -11.55 -5.37 3.84
C VAL A 405 -12.32 -6.69 3.89
N TYR A 406 -12.58 -7.24 2.73
CA TYR A 406 -13.40 -8.44 2.64
C TYR A 406 -12.58 -9.72 2.81
N LYS A 407 -12.79 -10.36 3.93
CA LYS A 407 -12.07 -11.54 4.37
C LYS A 407 -12.15 -12.70 3.38
N ASP A 408 -13.34 -12.97 2.85
CA ASP A 408 -13.54 -14.12 1.99
C ASP A 408 -12.94 -13.88 0.59
N ALA A 409 -13.14 -12.68 0.06
CA ALA A 409 -12.47 -12.30 -1.19
C ALA A 409 -10.94 -12.40 -1.06
N CYS A 410 -10.39 -12.02 0.11
CA CYS A 410 -8.93 -12.02 0.29
C CYS A 410 -8.37 -13.43 0.31
N ASN A 411 -9.11 -14.32 0.97
CA ASN A 411 -8.72 -15.70 1.16
C ASN A 411 -8.97 -16.59 -0.06
N ARG A 412 -10.11 -16.38 -0.71
CA ARG A 412 -10.47 -17.18 -1.90
C ARG A 412 -9.51 -16.89 -3.02
N LYS A 413 -9.05 -15.64 -3.13
CA LYS A 413 -8.27 -15.20 -4.29
C LYS A 413 -6.79 -14.90 -3.97
N SER A 414 -6.24 -15.56 -2.97
CA SER A 414 -4.85 -15.34 -2.62
C SER A 414 -3.97 -16.50 -3.07
N ASN A 415 -2.85 -16.18 -3.75
CA ASN A 415 -1.82 -17.20 -4.01
C ASN A 415 -1.17 -17.79 -2.73
N GLN A 416 -1.38 -17.14 -1.59
CA GLN A 416 -0.84 -17.65 -0.32
C GLN A 416 -1.79 -18.61 0.41
N LYS A 417 -2.85 -19.04 -0.27
CA LYS A 417 -3.90 -19.82 0.40
C LYS A 417 -3.46 -21.21 0.87
N ASN A 418 -2.36 -21.74 0.30
CA ASN A 418 -1.78 -23.00 0.81
C ASN A 418 -1.09 -22.84 2.18
N LEU A 419 -0.86 -21.59 2.60
CA LEU A 419 -0.18 -21.34 3.90
C LEU A 419 -1.10 -21.49 5.08
N GLY A 420 -2.37 -21.11 4.90
CA GLY A 420 -3.34 -21.04 6.00
C GLY A 420 -4.32 -19.91 5.72
N VAL A 421 -5.13 -19.57 6.71
CA VAL A 421 -6.15 -18.55 6.57
C VAL A 421 -5.57 -17.18 6.89
N ILE A 422 -5.76 -16.24 5.98
CA ILE A 422 -5.22 -14.89 6.13
C ILE A 422 -6.19 -14.10 7.03
N LYS A 423 -5.65 -13.44 8.05
CA LYS A 423 -6.48 -12.81 9.10
C LYS A 423 -6.41 -11.29 9.17
N SER A 424 -5.71 -10.66 8.22
CA SER A 424 -5.61 -9.21 8.23
C SER A 424 -4.99 -8.66 6.97
N SER A 425 -5.17 -7.35 6.78
CA SER A 425 -4.38 -6.64 5.82
C SER A 425 -3.41 -5.76 6.62
N ASN A 426 -3.02 -4.62 6.08
CA ASN A 426 -1.97 -3.80 6.69
C ASN A 426 -2.48 -2.39 6.96
N LEU A 427 -1.55 -1.49 7.28
CA LEU A 427 -1.89 -0.13 7.64
C LEU A 427 -2.65 0.58 6.52
N CYS A 428 -2.31 0.31 5.27
CA CYS A 428 -2.95 1.01 4.13
C CYS A 428 -3.84 0.13 3.24
N CYS A 429 -4.07 -1.11 3.67
CA CYS A 429 -5.06 -2.00 3.05
C CYS A 429 -4.69 -2.46 1.66
N GLU A 430 -3.39 -2.50 1.34
CA GLU A 430 -3.00 -3.02 0.07
C GLU A 430 -2.42 -4.44 0.21
N ILE A 431 -1.83 -4.75 1.35
CA ILE A 431 -1.10 -6.02 1.56
C ILE A 431 -1.99 -7.13 2.09
N VAL A 432 -1.95 -8.28 1.44
CA VAL A 432 -2.78 -9.40 1.85
C VAL A 432 -1.91 -10.64 1.91
N GLU A 433 -1.43 -10.93 3.12
CA GLU A 433 -0.42 -11.94 3.33
C GLU A 433 -0.73 -12.69 4.61
N TYR A 434 -0.28 -13.94 4.65
CA TYR A 434 -0.45 -14.82 5.79
C TYR A 434 0.40 -14.39 6.99
N SER A 435 -0.17 -14.38 8.19
CA SER A 435 0.59 -14.13 9.42
C SER A 435 0.13 -15.09 10.49
N ALA A 436 0.95 -15.31 11.49
CA ALA A 436 0.72 -16.29 12.54
C ALA A 436 1.65 -15.89 13.69
N PRO A 437 1.46 -16.43 14.91
CA PRO A 437 2.34 -16.04 16.04
C PRO A 437 3.84 -16.10 15.72
N ASP A 438 4.29 -17.11 14.95
CA ASP A 438 5.70 -17.21 14.59
C ASP A 438 6.09 -16.60 13.23
N GLU A 439 5.13 -16.04 12.51
CA GLU A 439 5.40 -15.45 11.21
C GLU A 439 4.72 -14.11 11.04
N THR A 440 5.52 -13.07 10.95
CA THR A 440 5.03 -11.74 10.70
C THR A 440 5.31 -11.41 9.27
N ALA A 441 4.24 -11.27 8.48
CA ALA A 441 4.40 -10.97 7.06
C ALA A 441 4.98 -9.56 6.88
N VAL A 442 5.82 -9.42 5.86
CA VAL A 442 6.54 -8.17 5.63
C VAL A 442 6.32 -7.90 4.17
N CYS A 443 6.48 -6.67 3.75
CA CYS A 443 6.56 -6.43 2.32
C CYS A 443 7.39 -5.20 1.95
N ASN A 444 8.17 -5.35 0.88
CA ASN A 444 8.97 -4.26 0.31
C ASN A 444 8.29 -3.70 -0.93
N LEU A 445 8.28 -2.37 -1.02
CA LEU A 445 7.39 -1.67 -1.95
C LEU A 445 8.15 -0.81 -2.94
N ALA A 446 7.62 -0.71 -4.16
CA ALA A 446 8.10 0.24 -5.18
C ALA A 446 6.99 0.63 -6.13
N SER A 447 7.09 1.81 -6.73
CA SER A 447 6.04 2.22 -7.67
C SER A 447 6.61 2.65 -8.99
N VAL A 448 5.90 2.30 -10.06
CA VAL A 448 6.26 2.72 -11.41
C VAL A 448 5.63 4.07 -11.71
N ALA A 449 6.39 4.97 -12.33
CA ALA A 449 5.88 6.29 -12.74
C ALA A 449 5.24 6.18 -14.12
N LEU A 450 3.92 6.09 -14.11
CA LEU A 450 3.16 5.80 -15.33
C LEU A 450 3.35 6.79 -16.48
N PRO A 451 3.43 8.09 -16.20
CA PRO A 451 3.66 9.05 -17.30
C PRO A 451 4.99 8.91 -18.05
N ALA A 452 6.00 8.34 -17.42
CA ALA A 452 7.31 8.14 -18.05
C ALA A 452 7.25 7.43 -19.40
N PHE A 453 6.17 6.66 -19.61
CA PHE A 453 6.08 5.77 -20.75
C PHE A 453 5.28 6.35 -21.92
N ILE A 454 4.85 7.59 -21.73
CA ILE A 454 4.18 8.33 -22.80
C ILE A 454 5.22 8.83 -23.78
N GLU A 455 5.01 8.54 -25.05
CA GLU A 455 5.87 9.08 -26.10
C GLU A 455 5.05 9.66 -27.24
N THR A 456 5.51 10.82 -27.73
CA THR A 456 4.87 11.48 -28.88
C THR A 456 5.22 10.74 -30.14
N SER A 457 6.28 9.92 -30.05
CA SER A 457 6.64 8.92 -31.06
C SER A 457 5.44 8.52 -31.87
N GLU A 458 5.53 8.72 -33.19
CA GLU A 458 4.39 8.54 -34.07
C GLU A 458 4.58 9.26 -35.40
N ASP A 459 3.45 9.44 -36.08
CA ASP A 459 3.31 10.33 -37.21
C ASP A 459 2.22 11.32 -36.82
N GLY A 460 2.57 12.60 -36.80
CA GLY A 460 1.63 13.64 -36.38
C GLY A 460 1.49 13.69 -34.86
N LYS A 461 1.50 14.90 -34.31
CA LYS A 461 1.50 15.15 -32.87
C LYS A 461 0.38 14.48 -32.05
N THR A 462 0.39 13.15 -31.99
CA THR A 462 -0.41 12.43 -31.01
C THR A 462 0.55 11.71 -30.08
N SER A 463 0.17 11.64 -28.80
CA SER A 463 0.92 10.86 -27.85
C SER A 463 0.42 9.43 -27.88
N THR A 464 1.34 8.49 -27.75
CA THR A 464 1.00 7.09 -27.52
C THR A 464 1.60 6.58 -26.20
N TYR A 465 1.17 5.41 -25.76
CA TYR A 465 1.71 4.77 -24.57
C TYR A 465 2.63 3.59 -24.89
N ASN A 466 3.86 3.65 -24.41
CA ASN A 466 4.83 2.59 -24.67
C ASN A 466 4.74 1.43 -23.67
N PHE A 467 3.87 0.47 -23.97
CA PHE A 467 3.68 -0.69 -23.12
C PHE A 467 4.91 -1.58 -23.04
N LYS A 468 5.66 -1.73 -24.13
CA LYS A 468 6.86 -2.58 -24.13
C LYS A 468 7.90 -2.09 -23.11
N LYS A 469 8.05 -0.77 -23.03
CA LYS A 469 8.97 -0.18 -22.07
C LYS A 469 8.46 -0.28 -20.61
N LEU A 470 7.14 -0.13 -20.42
CA LEU A 470 6.53 -0.37 -19.12
C LEU A 470 6.83 -1.79 -18.64
N HIS A 471 6.67 -2.75 -19.54
CA HIS A 471 6.94 -4.16 -19.25
C HIS A 471 8.40 -4.34 -18.83
N GLU A 472 9.34 -3.79 -19.61
CA GLU A 472 10.79 -3.84 -19.27
C GLU A 472 11.15 -3.16 -17.91
N ILE A 473 10.61 -1.98 -17.62
CA ILE A 473 10.88 -1.33 -16.33
C ILE A 473 10.29 -2.11 -15.15
N ALA A 474 9.09 -2.67 -15.32
CA ALA A 474 8.48 -3.49 -14.26
C ALA A 474 9.33 -4.75 -13.95
N LYS A 475 9.96 -5.32 -14.96
CA LYS A 475 10.90 -6.43 -14.72
C LYS A 475 12.08 -5.96 -13.86
N VAL A 476 12.62 -4.77 -14.17
CA VAL A 476 13.73 -4.21 -13.41
C VAL A 476 13.33 -4.07 -11.92
N VAL A 477 12.19 -3.42 -11.69
CA VAL A 477 11.69 -3.17 -10.32
C VAL A 477 11.44 -4.48 -9.56
N THR A 478 10.81 -5.44 -10.22
CA THR A 478 10.64 -6.77 -9.66
C THR A 478 11.96 -7.39 -9.20
N ARG A 479 12.98 -7.31 -10.05
CA ARG A 479 14.32 -7.80 -9.66
C ARG A 479 14.90 -7.03 -8.48
N ASN A 480 14.65 -5.72 -8.43
CA ASN A 480 15.12 -4.89 -7.32
C ASN A 480 14.50 -5.33 -5.99
N LEU A 481 13.18 -5.51 -5.99
CA LEU A 481 12.42 -5.83 -4.78
C LEU A 481 12.82 -7.18 -4.21
N ASN A 482 13.14 -8.10 -5.11
CA ASN A 482 13.62 -9.41 -4.73
C ASN A 482 15.00 -9.32 -4.07
N ARG A 483 15.86 -8.45 -4.57
CA ARG A 483 17.15 -8.24 -3.92
C ARG A 483 17.02 -7.64 -2.50
N VAL A 484 16.19 -6.60 -2.36
CA VAL A 484 15.85 -6.02 -1.07
C VAL A 484 15.53 -7.09 -0.02
N ILE A 485 14.76 -8.11 -0.39
CA ILE A 485 14.41 -9.18 0.56
C ILE A 485 15.64 -9.82 1.20
N ASP A 486 16.67 -10.05 0.37
CA ASP A 486 17.90 -10.70 0.83
C ASP A 486 18.85 -9.76 1.59
N ARG A 487 18.87 -8.49 1.23
CA ARG A 487 19.74 -7.52 1.89
C ARG A 487 19.08 -6.73 3.03
N ASN A 488 17.83 -7.03 3.32
CA ASN A 488 17.09 -6.35 4.39
C ASN A 488 17.51 -6.76 5.82
N TYR A 489 17.55 -5.79 6.73
CA TYR A 489 17.72 -6.06 8.15
C TYR A 489 16.32 -6.17 8.76
N TYR A 490 15.98 -7.36 9.27
CA TYR A 490 14.66 -7.63 9.86
C TYR A 490 14.65 -7.32 11.36
N PRO A 491 13.70 -6.48 11.81
CA PRO A 491 13.67 -6.01 13.21
C PRO A 491 13.35 -7.11 14.20
N VAL A 492 12.60 -8.10 13.74
CA VAL A 492 12.20 -9.21 14.57
C VAL A 492 12.36 -10.50 13.79
N GLU A 493 12.67 -11.57 14.50
CA GLU A 493 12.90 -12.86 13.88
C GLU A 493 11.66 -13.40 13.13
N GLU A 494 10.45 -13.12 13.63
CA GLU A 494 9.19 -13.51 12.98
C GLU A 494 9.06 -12.96 11.56
N ALA A 495 9.64 -11.79 11.31
CA ALA A 495 9.59 -11.16 10.02
C ALA A 495 10.57 -11.78 9.03
N ARG A 496 11.77 -12.10 9.52
CA ARG A 496 12.78 -12.78 8.71
C ARG A 496 12.27 -14.13 8.22
N LYS A 497 11.68 -14.90 9.13
CA LYS A 497 11.19 -16.25 8.85
C LYS A 497 10.05 -16.26 7.81
N SER A 498 9.14 -15.31 7.92
CA SER A 498 8.09 -15.14 6.95
C SER A 498 8.67 -14.73 5.56
N ASN A 499 9.47 -13.68 5.53
CA ASN A 499 9.92 -13.17 4.24
C ASN A 499 10.77 -14.14 3.46
N MET A 500 11.64 -14.88 4.15
CA MET A 500 12.57 -15.80 3.47
C MET A 500 11.84 -17.01 2.92
N ARG A 501 10.74 -17.38 3.57
CA ARG A 501 9.90 -18.50 3.16
C ARG A 501 9.05 -18.21 1.92
N HIS A 502 8.36 -17.07 1.91
CA HIS A 502 7.34 -16.83 0.90
C HIS A 502 7.72 -15.75 -0.11
N ARG A 503 8.69 -14.90 0.27
CA ARG A 503 9.26 -13.86 -0.62
C ARG A 503 8.23 -12.97 -1.35
N PRO A 504 7.24 -12.43 -0.61
CA PRO A 504 6.28 -11.59 -1.34
C PRO A 504 6.91 -10.23 -1.65
N ILE A 505 6.48 -9.61 -2.73
CA ILE A 505 6.83 -8.25 -3.01
C ILE A 505 5.56 -7.48 -3.41
N ALA A 506 5.69 -6.17 -3.59
CA ALA A 506 4.55 -5.33 -3.91
C ALA A 506 4.94 -4.20 -4.85
N LEU A 507 4.60 -4.34 -6.14
CA LEU A 507 4.74 -3.25 -7.11
C LEU A 507 3.49 -2.43 -7.13
N GLY A 508 3.61 -1.14 -7.38
CA GLY A 508 2.45 -0.26 -7.45
C GLY A 508 2.70 0.78 -8.52
N VAL A 509 1.90 1.86 -8.48
CA VAL A 509 1.98 2.89 -9.47
C VAL A 509 1.77 4.28 -8.88
N GLN A 510 2.27 5.28 -9.59
CA GLN A 510 1.86 6.64 -9.36
C GLN A 510 1.61 7.29 -10.72
N GLY A 511 0.84 8.37 -10.70
CA GLY A 511 0.60 9.21 -11.88
C GLY A 511 -0.38 8.66 -12.88
N LEU A 512 -1.30 7.81 -12.44
CA LEU A 512 -2.37 7.34 -13.34
C LEU A 512 -3.15 8.55 -13.86
N ALA A 513 -3.52 9.46 -12.95
CA ALA A 513 -4.23 10.69 -13.30
C ALA A 513 -3.45 11.54 -14.31
N ASP A 514 -2.14 11.76 -14.08
CA ASP A 514 -1.31 12.51 -15.01
C ASP A 514 -1.30 11.85 -16.39
N THR A 515 -1.25 10.52 -16.41
CA THR A 515 -1.17 9.78 -17.65
C THR A 515 -2.39 10.03 -18.54
N PHE A 516 -3.58 9.86 -17.95
CA PHE A 516 -4.84 10.10 -18.63
C PHE A 516 -4.89 11.57 -19.12
N MET A 517 -4.47 12.49 -18.25
CA MET A 517 -4.49 13.92 -18.56
C MET A 517 -3.58 14.30 -19.74
N LEU A 518 -2.39 13.70 -19.78
CA LEU A 518 -1.43 13.89 -20.87
C LEU A 518 -1.93 13.27 -22.19
N LEU A 519 -2.69 12.19 -22.10
CA LEU A 519 -3.28 11.56 -23.27
C LEU A 519 -4.67 12.10 -23.62
N ARG A 520 -5.14 13.09 -22.88
CA ARG A 520 -6.41 13.75 -23.18
C ARG A 520 -7.59 12.79 -22.94
N LEU A 521 -7.43 11.87 -21.99
CA LEU A 521 -8.50 10.92 -21.69
C LEU A 521 -9.14 11.27 -20.37
N PRO A 522 -10.46 11.60 -20.39
CA PRO A 522 -11.17 11.78 -19.13
C PRO A 522 -11.11 10.48 -18.31
N PHE A 523 -11.00 10.62 -17.00
CA PHE A 523 -10.88 9.48 -16.07
C PHE A 523 -12.03 8.50 -16.23
N ASP A 524 -13.24 9.03 -16.44
CA ASP A 524 -14.44 8.20 -16.61
C ASP A 524 -14.76 7.77 -18.06
N SER A 525 -13.81 7.96 -18.97
CA SER A 525 -14.04 7.58 -20.37
C SER A 525 -13.79 6.10 -20.61
N GLU A 526 -14.28 5.64 -21.77
CA GLU A 526 -14.04 4.30 -22.28
C GLU A 526 -12.57 4.03 -22.59
N GLU A 527 -11.86 5.07 -23.01
CA GLU A 527 -10.44 4.92 -23.35
C GLU A 527 -9.57 4.81 -22.09
N ALA A 528 -9.88 5.61 -21.07
CA ALA A 528 -9.27 5.49 -19.75
C ALA A 528 -9.52 4.10 -19.13
N ARG A 529 -10.77 3.63 -19.22
CA ARG A 529 -11.12 2.29 -18.75
C ARG A 529 -10.24 1.20 -19.40
N LEU A 530 -9.89 1.40 -20.66
CA LEU A 530 -9.17 0.40 -21.43
C LEU A 530 -7.69 0.48 -21.05
N LEU A 531 -7.16 1.70 -21.04
CA LEU A 531 -5.77 1.94 -20.72
C LEU A 531 -5.45 1.43 -19.30
N ASN A 532 -6.35 1.69 -18.35
CA ASN A 532 -6.26 1.16 -16.97
C ASN A 532 -6.07 -0.34 -16.90
N ILE A 533 -6.85 -1.08 -17.69
CA ILE A 533 -6.76 -2.53 -17.75
C ILE A 533 -5.45 -2.98 -18.40
N GLN A 534 -5.04 -2.28 -19.46
CA GLN A 534 -3.83 -2.66 -20.20
C GLN A 534 -2.55 -2.41 -19.41
N ILE A 535 -2.47 -1.27 -18.75
CA ILE A 535 -1.38 -0.96 -17.84
C ILE A 535 -1.18 -2.02 -16.75
N PHE A 536 -2.25 -2.40 -16.06
CA PHE A 536 -2.17 -3.40 -14.99
C PHE A 536 -1.97 -4.81 -15.51
N GLU A 537 -2.44 -5.07 -16.73
CA GLU A 537 -2.14 -6.35 -17.33
C GLU A 537 -0.64 -6.47 -17.56
N THR A 538 -0.02 -5.43 -18.13
CA THR A 538 1.43 -5.50 -18.45
C THR A 538 2.34 -5.55 -17.23
N ILE A 539 1.98 -4.80 -16.20
CA ILE A 539 2.80 -4.81 -14.97
C ILE A 539 2.73 -6.19 -14.31
N TYR A 540 1.53 -6.78 -14.24
CA TYR A 540 1.39 -8.12 -13.69
C TYR A 540 2.09 -9.16 -14.56
N HIS A 541 1.93 -9.08 -15.88
CA HIS A 541 2.66 -9.99 -16.79
C HIS A 541 4.17 -9.85 -16.58
N ALA A 542 4.68 -8.63 -16.71
CA ALA A 542 6.10 -8.36 -16.48
C ALA A 542 6.60 -8.89 -15.15
N SER A 543 5.94 -8.58 -14.04
CA SER A 543 6.45 -9.06 -12.73
C SER A 543 6.54 -10.59 -12.57
N MET A 544 5.54 -11.31 -13.08
CA MET A 544 5.53 -12.78 -13.02
C MET A 544 6.60 -13.37 -13.92
N GLU A 545 6.87 -12.70 -15.05
CA GLU A 545 7.93 -13.11 -15.98
C GLU A 545 9.32 -12.92 -15.35
N ALA A 546 9.60 -11.72 -14.85
CA ALA A 546 10.83 -11.49 -14.08
C ALA A 546 10.98 -12.49 -12.94
N SER A 547 9.88 -12.76 -12.22
CA SER A 547 9.94 -13.64 -11.06
C SER A 547 10.19 -15.11 -11.43
N CYS A 548 9.67 -15.50 -12.57
CA CYS A 548 9.83 -16.85 -13.10
C CYS A 548 11.30 -17.03 -13.53
N GLU A 549 11.86 -16.02 -14.22
CA GLU A 549 13.30 -15.98 -14.54
C GLU A 549 14.18 -16.09 -13.28
N LEU A 550 13.83 -15.38 -12.22
CA LEU A 550 14.52 -15.54 -10.93
C LEU A 550 14.44 -16.96 -10.37
N ALA A 551 13.26 -17.58 -10.49
CA ALA A 551 13.11 -18.96 -10.04
C ALA A 551 13.93 -19.95 -10.88
N GLN A 552 14.20 -19.64 -12.15
CA GLN A 552 15.08 -20.50 -12.97
C GLN A 552 16.53 -20.31 -12.54
N LYS A 553 16.85 -19.11 -12.04
CA LYS A 553 18.18 -18.87 -11.53
C LYS A 553 18.37 -19.40 -10.10
N ASP A 554 17.38 -19.21 -9.21
CA ASP A 554 17.58 -19.50 -7.78
C ASP A 554 16.68 -20.59 -7.13
N GLY A 555 15.75 -21.16 -7.89
CA GLY A 555 14.72 -22.02 -7.33
C GLY A 555 13.45 -21.21 -6.99
N PRO A 556 12.28 -21.88 -6.90
CA PRO A 556 11.11 -21.13 -6.47
C PRO A 556 11.12 -20.88 -4.95
N TYR A 557 10.22 -20.04 -4.48
CA TYR A 557 10.17 -19.76 -3.05
C TYR A 557 9.76 -21.06 -2.35
N GLU A 558 10.02 -21.17 -1.06
CA GLU A 558 9.97 -22.46 -0.36
C GLU A 558 8.61 -23.12 -0.40
N THR A 559 7.56 -22.29 -0.32
CA THR A 559 6.20 -22.79 -0.16
C THR A 559 5.41 -22.79 -1.49
N PHE A 560 6.13 -22.81 -2.62
CA PHE A 560 5.51 -22.68 -3.94
C PHE A 560 4.65 -23.88 -4.35
N GLN A 561 5.08 -25.09 -3.92
CA GLN A 561 4.41 -26.35 -4.21
C GLN A 561 3.09 -26.38 -3.47
N GLY A 562 2.00 -26.58 -4.20
CA GLY A 562 0.67 -26.57 -3.59
C GLY A 562 -0.04 -25.23 -3.78
N SER A 563 0.69 -24.20 -4.21
CA SER A 563 0.05 -22.89 -4.44
C SER A 563 -0.85 -22.91 -5.70
N PRO A 564 -1.84 -22.00 -5.76
CA PRO A 564 -2.51 -21.79 -7.04
C PRO A 564 -1.59 -21.62 -8.26
N ALA A 565 -0.54 -20.80 -8.12
CA ALA A 565 0.36 -20.55 -9.24
C ALA A 565 1.02 -21.84 -9.73
N SER A 566 1.32 -22.75 -8.80
CA SER A 566 1.91 -24.05 -9.16
C SER A 566 0.97 -24.94 -10.01
N GLN A 567 -0.33 -24.70 -9.88
CA GLN A 567 -1.37 -25.38 -10.67
C GLN A 567 -1.76 -24.60 -11.94
N GLY A 568 -1.05 -23.51 -12.24
CA GLY A 568 -1.34 -22.67 -13.41
C GLY A 568 -2.49 -21.70 -13.21
N ILE A 569 -2.84 -21.44 -11.95
CA ILE A 569 -3.95 -20.56 -11.62
C ILE A 569 -3.40 -19.19 -11.24
N LEU A 570 -3.54 -18.23 -12.12
CA LEU A 570 -3.04 -16.88 -11.88
C LEU A 570 -4.19 -16.03 -11.34
N GLN A 571 -3.91 -14.80 -10.91
CA GLN A 571 -4.96 -13.95 -10.29
C GLN A 571 -6.29 -13.87 -11.08
N PHE A 572 -6.25 -13.50 -12.35
CA PHE A 572 -7.50 -13.34 -13.15
C PHE A 572 -8.34 -14.61 -13.20
N ASP A 573 -7.69 -15.78 -13.23
CA ASP A 573 -8.37 -17.08 -13.18
C ASP A 573 -9.18 -17.25 -11.89
N MET A 574 -8.70 -16.68 -10.79
CA MET A 574 -9.39 -16.75 -9.51
C MET A 574 -10.56 -15.76 -9.44
N TRP A 575 -10.59 -14.82 -10.37
CA TRP A 575 -11.77 -13.99 -10.61
C TRP A 575 -12.68 -14.59 -11.71
N ASP A 576 -12.32 -15.78 -12.20
CA ASP A 576 -13.00 -16.41 -13.35
C ASP A 576 -13.15 -15.49 -14.57
N GLN A 577 -12.05 -14.84 -14.94
CA GLN A 577 -12.01 -13.94 -16.07
C GLN A 577 -10.88 -14.35 -16.97
N LYS A 578 -11.08 -14.11 -18.26
CA LYS A 578 -10.01 -14.22 -19.24
C LYS A 578 -9.24 -12.92 -19.16
N PRO A 579 -7.91 -12.99 -19.36
CA PRO A 579 -7.14 -11.76 -19.35
C PRO A 579 -7.44 -10.95 -20.62
N TYR A 580 -7.18 -9.64 -20.58
CA TYR A 580 -7.36 -8.81 -21.76
C TYR A 580 -6.58 -9.31 -22.97
N GLY A 581 -5.43 -9.96 -22.72
CA GLY A 581 -4.65 -10.62 -23.77
C GLY A 581 -3.75 -9.75 -24.64
N MET A 582 -3.23 -8.65 -24.10
CA MET A 582 -2.17 -7.89 -24.79
C MET A 582 -0.81 -8.59 -24.67
N TRP A 583 -0.67 -9.44 -23.65
CA TRP A 583 0.53 -10.24 -23.44
C TRP A 583 0.20 -11.70 -23.55
N ASP A 584 1.20 -12.54 -23.77
CA ASP A 584 0.98 -13.97 -23.96
C ASP A 584 1.02 -14.70 -22.62
N TRP A 585 -0.16 -15.02 -22.09
CA TRP A 585 -0.28 -15.67 -20.78
C TRP A 585 -0.03 -17.17 -20.77
N ASP A 586 -0.34 -17.84 -21.86
CA ASP A 586 -0.17 -19.29 -21.95
C ASP A 586 1.29 -19.69 -21.81
N THR A 587 2.15 -19.00 -22.53
CA THR A 587 3.59 -19.28 -22.47
C THR A 587 4.14 -19.00 -21.07
N LEU A 588 3.74 -17.88 -20.46
CA LEU A 588 4.14 -17.58 -19.09
C LEU A 588 3.69 -18.63 -18.09
N ARG A 589 2.43 -19.07 -18.21
CA ARG A 589 1.83 -20.03 -17.29
C ARG A 589 2.50 -21.38 -17.43
N LYS A 590 2.75 -21.78 -18.68
CA LYS A 590 3.60 -22.91 -19.00
C LYS A 590 4.94 -22.83 -18.23
N ASP A 591 5.64 -21.71 -18.35
CA ASP A 591 6.93 -21.53 -17.68
C ASP A 591 6.86 -21.55 -16.14
N ILE A 592 5.91 -20.83 -15.57
CA ILE A 592 5.64 -20.89 -14.13
C ILE A 592 5.34 -22.30 -13.61
N MET A 593 4.54 -23.07 -14.34
CA MET A 593 4.22 -24.43 -13.89
C MET A 593 5.44 -25.35 -13.94
N LYS A 594 6.32 -25.12 -14.90
CA LYS A 594 7.55 -25.87 -15.07
C LYS A 594 8.64 -25.42 -14.07
N HIS A 595 8.85 -24.11 -13.97
CA HIS A 595 10.01 -23.57 -13.25
C HIS A 595 9.71 -22.96 -11.89
N GLY A 596 8.45 -22.57 -11.67
CA GLY A 596 8.07 -21.93 -10.42
C GLY A 596 8.20 -20.45 -10.61
N VAL A 597 7.87 -19.71 -9.54
CA VAL A 597 8.20 -18.32 -9.43
C VAL A 597 8.99 -18.11 -8.14
N ARG A 598 9.78 -17.05 -8.09
CA ARG A 598 10.60 -16.72 -6.92
C ARG A 598 9.81 -16.00 -5.81
N ASN A 599 8.65 -15.43 -6.17
CA ASN A 599 7.86 -14.63 -5.23
C ASN A 599 6.41 -15.09 -5.11
N SER A 600 5.91 -15.28 -3.89
CA SER A 600 4.53 -15.75 -3.74
C SER A 600 3.49 -14.74 -4.22
N LEU A 601 3.85 -13.45 -4.19
CA LEU A 601 2.92 -12.33 -4.55
C LEU A 601 3.77 -11.21 -5.12
N THR A 602 3.23 -10.44 -6.08
CA THR A 602 4.00 -9.34 -6.70
C THR A 602 3.39 -7.94 -6.72
N MET A 603 2.07 -7.80 -6.60
CA MET A 603 1.39 -6.53 -6.87
C MET A 603 0.56 -6.11 -5.71
N ALA A 604 0.68 -4.85 -5.30
CA ALA A 604 -0.12 -4.30 -4.22
C ALA A 604 -0.17 -2.76 -4.32
N PRO A 605 -0.88 -2.23 -5.31
CA PRO A 605 -0.85 -0.78 -5.47
C PRO A 605 -1.13 -0.03 -4.16
N MET A 606 -0.16 0.79 -3.76
CA MET A 606 -0.09 1.49 -2.46
C MET A 606 -0.41 2.98 -2.61
N PRO A 607 -0.63 3.68 -1.49
CA PRO A 607 -0.98 5.13 -1.55
C PRO A 607 0.05 6.05 -2.22
N THR A 608 1.35 5.73 -2.11
CA THR A 608 2.42 6.59 -2.70
C THR A 608 2.39 8.03 -2.13
N ALA A 609 2.00 8.16 -0.86
CA ALA A 609 1.82 9.48 -0.24
C ALA A 609 3.04 10.40 -0.34
N SER A 610 4.23 9.91 0.02
CA SER A 610 5.44 10.76 -0.10
C SER A 610 6.21 10.60 -1.40
N THR A 611 6.32 9.37 -1.89
CA THR A 611 7.14 9.09 -3.09
C THR A 611 6.59 9.77 -4.34
N SER A 612 5.26 9.93 -4.43
CA SER A 612 4.64 10.60 -5.59
C SER A 612 4.92 12.10 -5.57
N GLN A 613 5.08 12.65 -4.36
CA GLN A 613 5.45 14.06 -4.16
C GLN A 613 6.91 14.33 -4.58
N ILE A 614 7.80 13.40 -4.24
CA ILE A 614 9.20 13.43 -4.67
C ILE A 614 9.29 13.49 -6.20
N LEU A 615 8.52 12.63 -6.88
CA LEU A 615 8.52 12.59 -8.36
C LEU A 615 7.66 13.67 -9.04
N GLY A 616 6.68 14.19 -8.31
CA GLY A 616 5.84 15.26 -8.85
C GLY A 616 4.61 14.76 -9.61
N TYR A 617 4.16 13.54 -9.31
CA TYR A 617 2.95 13.02 -9.95
C TYR A 617 1.78 12.94 -8.97
N ASN A 618 0.57 12.67 -9.48
CA ASN A 618 -0.62 12.70 -8.65
C ASN A 618 -0.72 11.72 -7.48
N GLU A 619 -0.52 10.43 -7.64
CA GLU A 619 -0.62 9.58 -6.42
C GLU A 619 -0.66 8.09 -6.65
N CYS A 620 -1.67 7.58 -7.30
CA CYS A 620 -1.72 6.14 -7.43
C CYS A 620 -3.09 5.85 -7.94
N PHE A 621 -3.26 5.62 -9.21
CA PHE A 621 -4.61 5.25 -9.64
C PHE A 621 -5.78 6.18 -9.19
N GLU A 622 -5.55 7.18 -8.34
CA GLU A 622 -6.66 8.08 -8.00
C GLU A 622 -6.75 9.37 -8.84
N PRO A 623 -7.98 9.84 -9.10
CA PRO A 623 -8.10 11.12 -9.81
C PRO A 623 -7.53 12.23 -8.96
N VAL A 624 -7.21 13.37 -9.60
CA VAL A 624 -6.83 14.58 -8.84
C VAL A 624 -7.96 14.96 -7.88
N THR A 625 -7.60 15.49 -6.72
CA THR A 625 -8.57 15.90 -5.69
C THR A 625 -8.95 17.35 -5.89
N SER A 626 -8.06 18.09 -6.54
CA SER A 626 -8.33 19.44 -7.02
C SER A 626 -7.29 19.86 -8.07
N ASN A 627 -7.63 20.89 -8.85
CA ASN A 627 -6.74 21.39 -9.89
C ASN A 627 -5.83 22.51 -9.38
N MET A 628 -5.91 22.76 -8.08
CA MET A 628 -5.17 23.82 -7.41
C MET A 628 -4.73 23.35 -6.03
N TYR A 629 -3.53 22.78 -5.92
CA TYR A 629 -3.01 22.34 -4.63
C TYR A 629 -1.80 23.19 -4.17
N PHE A 638 2.29 27.40 -1.75
CA PHE A 638 1.42 28.56 -1.75
C PHE A 638 0.66 28.69 -3.09
N GLN A 639 -0.30 27.79 -3.29
CA GLN A 639 -1.16 27.75 -4.49
C GLN A 639 -0.42 27.42 -5.80
N VAL A 640 -0.55 26.17 -6.25
CA VAL A 640 0.02 25.73 -7.52
C VAL A 640 -1.08 25.12 -8.40
N VAL A 641 -1.27 25.69 -9.59
CA VAL A 641 -2.31 25.23 -10.50
C VAL A 641 -1.82 24.03 -11.33
N ASN A 642 -2.69 23.02 -11.43
CA ASN A 642 -2.48 21.85 -12.28
C ASN A 642 -1.72 22.27 -13.53
N PRO A 643 -0.50 21.75 -13.73
CA PRO A 643 0.31 22.22 -14.85
C PRO A 643 -0.33 21.98 -16.23
N TYR A 644 -0.98 20.82 -16.38
CA TYR A 644 -1.64 20.45 -17.64
C TYR A 644 -2.86 21.35 -17.95
N LEU A 645 -3.65 21.64 -16.92
CA LEU A 645 -4.77 22.57 -17.02
C LEU A 645 -4.26 23.97 -17.33
N LEU A 646 -3.24 24.41 -16.61
CA LEU A 646 -2.64 25.72 -16.86
C LEU A 646 -2.25 25.89 -18.33
N ARG A 647 -1.43 24.95 -18.82
CA ARG A 647 -1.00 24.92 -20.22
C ARG A 647 -2.17 25.10 -21.19
N ASP A 648 -3.26 24.36 -20.96
CA ASP A 648 -4.46 24.41 -21.79
C ASP A 648 -5.17 25.75 -21.76
N LEU A 649 -5.27 26.35 -20.58
CA LEU A 649 -5.98 27.62 -20.42
C LEU A 649 -5.19 28.76 -21.03
N VAL A 650 -3.86 28.66 -20.98
CA VAL A 650 -2.97 29.62 -21.65
C VAL A 650 -3.08 29.50 -23.17
N ASP A 651 -2.94 28.28 -23.68
CA ASP A 651 -3.10 27.98 -25.12
C ASP A 651 -4.44 28.49 -25.72
N LEU A 652 -5.52 28.36 -24.97
CA LEU A 652 -6.83 28.82 -25.45
C LEU A 652 -7.00 30.33 -25.24
N GLY A 653 -6.03 30.96 -24.58
CA GLY A 653 -6.04 32.39 -24.37
C GLY A 653 -7.19 32.86 -23.50
N ILE A 654 -7.49 32.07 -22.46
CA ILE A 654 -8.56 32.43 -21.51
C ILE A 654 -8.06 32.60 -20.09
N TRP A 655 -6.78 32.28 -19.87
CA TRP A 655 -6.18 32.35 -18.54
C TRP A 655 -5.89 33.79 -18.11
N ASP A 656 -6.67 34.26 -17.13
CA ASP A 656 -6.45 35.57 -16.52
C ASP A 656 -6.62 35.51 -15.00
N GLU A 657 -6.54 36.66 -14.34
CA GLU A 657 -6.76 36.74 -12.90
C GLU A 657 -8.20 36.34 -12.57
N GLY A 658 -9.11 36.67 -13.49
CA GLY A 658 -10.49 36.23 -13.42
C GLY A 658 -10.65 34.72 -13.49
N MET A 659 -9.72 34.06 -14.19
CA MET A 659 -9.67 32.59 -14.24
C MET A 659 -9.14 32.04 -12.94
N LYS A 660 -8.03 32.62 -12.47
CA LYS A 660 -7.35 32.13 -11.28
C LYS A 660 -8.29 32.15 -10.09
N GLN A 661 -8.96 33.28 -9.89
CA GLN A 661 -9.90 33.45 -8.79
C GLN A 661 -11.01 32.40 -8.81
N TYR A 662 -11.58 32.17 -9.99
CA TYR A 662 -12.65 31.18 -10.17
C TYR A 662 -12.21 29.75 -9.78
N LEU A 663 -10.88 29.54 -9.72
CA LEU A 663 -10.30 28.24 -9.35
C LEU A 663 -10.07 28.15 -7.84
N ILE A 664 -9.54 29.23 -7.29
CA ILE A 664 -9.36 29.40 -5.85
C ILE A 664 -10.72 29.27 -5.18
N THR A 665 -11.70 29.97 -5.75
CA THR A 665 -13.01 30.16 -5.15
C THR A 665 -13.89 28.90 -5.22
N GLN A 666 -13.70 28.09 -6.25
CA GLN A 666 -14.45 26.84 -6.36
C GLN A 666 -13.59 25.65 -5.90
N ASN A 667 -12.55 25.98 -5.13
CA ASN A 667 -11.44 25.08 -4.75
C ASN A 667 -11.09 23.96 -5.71
N GLY A 668 -10.44 24.33 -6.81
CA GLY A 668 -9.81 23.38 -7.73
C GLY A 668 -10.72 22.77 -8.78
N SER A 669 -12.00 23.16 -8.76
CA SER A 669 -12.95 22.70 -9.75
C SER A 669 -13.06 23.67 -10.94
N ILE A 670 -13.17 23.15 -12.16
CA ILE A 670 -13.40 24.01 -13.34
C ILE A 670 -14.79 23.87 -13.93
N GLN A 671 -15.62 22.99 -13.36
CA GLN A 671 -17.01 22.85 -13.83
C GLN A 671 -17.74 24.17 -13.59
N GLY A 672 -18.75 24.46 -14.40
CA GLY A 672 -19.49 25.72 -14.24
C GLY A 672 -18.63 26.99 -14.27
N LEU A 673 -17.40 26.88 -14.73
CA LEU A 673 -16.64 28.05 -15.13
C LEU A 673 -17.17 28.42 -16.52
N PRO A 674 -17.77 29.63 -16.67
CA PRO A 674 -18.46 30.09 -17.89
C PRO A 674 -17.80 29.83 -19.26
N ASN A 675 -16.54 30.21 -19.45
CA ASN A 675 -15.95 30.23 -20.79
C ASN A 675 -14.79 29.22 -20.97
N VAL A 676 -15.00 27.97 -20.54
CA VAL A 676 -13.97 26.92 -20.61
C VAL A 676 -14.57 25.74 -21.40
N PRO A 677 -13.87 25.29 -22.46
CA PRO A 677 -14.39 24.23 -23.32
C PRO A 677 -14.72 22.95 -22.58
N GLN A 678 -15.82 22.33 -22.99
CA GLN A 678 -16.31 21.10 -22.43
C GLN A 678 -15.27 19.99 -22.39
N GLU A 679 -14.41 19.93 -23.43
CA GLU A 679 -13.32 18.95 -23.46
C GLU A 679 -12.43 19.10 -22.23
N LEU A 680 -12.23 20.33 -21.77
CA LEU A 680 -11.40 20.57 -20.59
C LEU A 680 -12.11 20.14 -19.31
N LYS A 681 -13.36 20.56 -19.16
CA LYS A 681 -14.17 20.12 -18.02
C LYS A 681 -14.21 18.60 -17.86
N ASP A 682 -14.41 17.88 -18.96
CA ASP A 682 -14.38 16.41 -18.94
C ASP A 682 -13.02 15.85 -18.52
N LEU A 683 -11.96 16.48 -18.99
CA LEU A 683 -10.60 16.01 -18.74
C LEU A 683 -10.11 16.26 -17.29
N TYR A 684 -10.54 17.37 -16.72
CA TYR A 684 -10.09 17.82 -15.43
C TYR A 684 -11.18 17.80 -14.35
N LYS A 685 -12.08 16.83 -14.45
CA LYS A 685 -12.94 16.49 -13.31
C LYS A 685 -12.08 16.10 -12.10
N THR A 686 -12.44 16.72 -10.99
CA THR A 686 -11.96 16.38 -9.67
C THR A 686 -12.57 15.02 -9.24
N VAL A 687 -11.97 14.37 -8.23
CA VAL A 687 -12.48 13.07 -7.74
C VAL A 687 -13.87 13.15 -7.07
N TRP A 688 -14.19 14.34 -6.56
CA TRP A 688 -15.50 14.63 -6.01
C TRP A 688 -16.55 14.72 -7.11
N GLU A 689 -16.10 14.84 -8.36
CA GLU A 689 -16.97 15.05 -9.52
C GLU A 689 -17.13 13.81 -10.40
N ILE A 690 -16.47 12.72 -10.02
CA ILE A 690 -16.50 11.47 -10.79
C ILE A 690 -17.40 10.50 -10.01
N SER A 691 -18.22 9.71 -10.69
CA SER A 691 -19.09 8.78 -9.96
C SER A 691 -18.27 7.66 -9.29
N GLN A 692 -18.58 7.38 -8.03
CA GLN A 692 -17.82 6.35 -7.28
C GLN A 692 -18.09 4.94 -7.84
N LYS A 693 -19.19 4.79 -8.62
CA LYS A 693 -19.44 3.54 -9.36
C LYS A 693 -18.42 3.33 -10.48
N THR A 694 -17.97 4.43 -11.06
CA THR A 694 -16.87 4.43 -12.03
C THR A 694 -15.53 4.08 -11.36
N ILE A 695 -15.22 4.75 -10.25
CA ILE A 695 -14.05 4.46 -9.43
C ILE A 695 -13.99 2.98 -9.06
N ILE A 696 -15.13 2.45 -8.60
CA ILE A 696 -15.24 1.04 -8.18
C ILE A 696 -15.11 0.09 -9.37
N ASN A 697 -15.67 0.50 -10.51
CA ASN A 697 -15.57 -0.30 -11.75
C ASN A 697 -14.13 -0.45 -12.19
N MET A 698 -13.39 0.64 -12.13
CA MET A 698 -12.00 0.63 -12.54
C MET A 698 -11.11 -0.11 -11.55
N ALA A 699 -11.45 -0.01 -10.27
CA ALA A 699 -10.78 -0.80 -9.23
C ALA A 699 -11.00 -2.29 -9.47
N ALA A 700 -12.25 -2.67 -9.76
CA ALA A 700 -12.60 -4.06 -10.09
C ALA A 700 -11.92 -4.55 -11.35
N ASP A 701 -11.92 -3.73 -12.41
CA ASP A 701 -11.20 -4.07 -13.66
C ASP A 701 -9.73 -4.38 -13.36
N ARG A 702 -9.00 -3.46 -12.72
CA ARG A 702 -7.57 -3.69 -12.43
C ARG A 702 -7.27 -4.81 -11.44
N SER A 703 -8.21 -5.10 -10.54
CA SER A 703 -8.01 -6.08 -9.48
C SER A 703 -7.77 -7.53 -9.92
N VAL A 704 -8.21 -7.85 -11.13
CA VAL A 704 -8.00 -9.18 -11.68
C VAL A 704 -6.51 -9.43 -11.94
N TYR A 705 -5.72 -8.37 -11.97
CA TYR A 705 -4.26 -8.44 -12.20
C TYR A 705 -3.45 -8.11 -10.94
N ILE A 706 -4.14 -8.01 -9.80
CA ILE A 706 -3.54 -7.64 -8.53
C ILE A 706 -3.65 -8.82 -7.58
N ASP A 707 -2.49 -9.44 -7.40
CA ASP A 707 -2.12 -10.47 -6.42
C ASP A 707 -2.59 -10.23 -4.99
N GLN A 708 -2.37 -9.02 -4.53
CA GLN A 708 -2.68 -8.65 -3.17
C GLN A 708 -3.91 -7.80 -3.27
N SER A 709 -3.91 -6.60 -2.73
CA SER A 709 -5.08 -5.71 -2.85
C SER A 709 -4.63 -4.31 -3.24
N HIS A 710 -5.55 -3.35 -3.19
CA HIS A 710 -5.14 -1.95 -3.31
C HIS A 710 -5.93 -0.95 -2.46
N SER A 711 -5.24 0.13 -2.10
CA SER A 711 -5.69 1.07 -1.10
C SER A 711 -6.73 2.01 -1.69
N LEU A 712 -7.95 1.50 -1.86
CA LEU A 712 -9.01 2.24 -2.51
C LEU A 712 -9.66 3.26 -1.58
N ASN A 713 -9.16 4.49 -1.56
CA ASN A 713 -9.86 5.60 -0.89
C ASN A 713 -11.15 5.89 -1.60
N LEU A 714 -12.19 6.22 -0.84
CA LEU A 714 -13.47 6.67 -1.44
C LEU A 714 -13.76 8.14 -1.06
N PHE A 715 -14.39 8.88 -1.98
CA PHE A 715 -14.65 10.32 -1.82
C PHE A 715 -16.13 10.59 -2.04
N LEU A 716 -16.82 11.01 -1.00
CA LEU A 716 -18.25 11.22 -1.11
C LEU A 716 -18.54 12.69 -0.87
N ARG A 717 -19.02 13.34 -1.93
CA ARG A 717 -19.41 14.75 -1.92
C ARG A 717 -20.38 15.06 -0.78
N ALA A 718 -21.67 14.78 -1.03
CA ALA A 718 -22.70 15.03 -0.04
C ALA A 718 -23.19 13.69 0.50
N PRO A 719 -22.54 13.22 1.59
CA PRO A 719 -22.70 11.84 2.08
C PRO A 719 -24.03 11.58 2.80
N THR A 720 -24.72 10.50 2.40
CA THR A 720 -25.87 9.99 3.14
C THR A 720 -25.61 8.54 3.48
N MET A 721 -26.22 8.07 4.57
CA MET A 721 -26.23 6.65 4.92
C MET A 721 -26.52 5.76 3.70
N GLY A 722 -27.46 6.20 2.85
CA GLY A 722 -27.91 5.42 1.68
C GLY A 722 -26.87 5.32 0.57
N LYS A 723 -26.24 6.44 0.25
CA LYS A 723 -25.14 6.49 -0.70
C LYS A 723 -23.92 5.67 -0.25
N LEU A 724 -23.60 5.72 1.04
CA LEU A 724 -22.45 5.02 1.56
C LEU A 724 -22.72 3.52 1.55
N THR A 725 -23.94 3.13 1.94
CA THR A 725 -24.38 1.74 1.91
C THR A 725 -24.27 1.15 0.50
N SER A 726 -24.75 1.88 -0.50
CA SER A 726 -24.73 1.34 -1.84
C SER A 726 -23.31 1.27 -2.43
N MET A 727 -22.43 2.21 -2.06
CA MET A 727 -21.00 2.11 -2.39
C MET A 727 -20.35 0.82 -1.84
N HIS A 728 -20.63 0.52 -0.57
CA HIS A 728 -20.08 -0.67 0.07
C HIS A 728 -20.58 -1.95 -0.57
N PHE A 729 -21.90 -2.05 -0.75
CA PHE A 729 -22.51 -3.23 -1.36
C PHE A 729 -22.13 -3.41 -2.82
N TYR A 730 -21.93 -2.30 -3.53
CA TYR A 730 -21.43 -2.34 -4.91
C TYR A 730 -19.99 -2.91 -5.03
N GLY A 731 -19.06 -2.37 -4.24
CA GLY A 731 -17.71 -2.94 -4.15
C GLY A 731 -17.70 -4.40 -3.72
N TRP A 732 -18.53 -4.71 -2.72
CA TRP A 732 -18.57 -6.07 -2.19
C TRP A 732 -18.99 -7.05 -3.28
N LYS A 733 -20.06 -6.73 -4.00
CA LYS A 733 -20.57 -7.61 -5.05
C LYS A 733 -19.64 -7.64 -6.26
N LYS A 734 -18.87 -6.58 -6.48
CA LYS A 734 -17.86 -6.57 -7.54
C LYS A 734 -16.72 -7.58 -7.28
N GLY A 735 -16.62 -8.09 -6.05
CA GLY A 735 -15.60 -9.05 -5.65
C GLY A 735 -14.34 -8.43 -5.08
N LEU A 736 -14.39 -7.14 -4.76
CA LEU A 736 -13.22 -6.42 -4.23
C LEU A 736 -12.73 -7.03 -2.93
N LYS A 737 -11.42 -6.86 -2.70
CA LYS A 737 -10.80 -7.34 -1.48
C LYS A 737 -10.86 -6.19 -0.50
N THR A 738 -10.33 -5.05 -0.93
CA THR A 738 -10.43 -3.81 -0.17
C THR A 738 -11.62 -3.02 -0.66
N GLY A 739 -12.65 -3.01 0.15
CA GLY A 739 -13.88 -2.34 -0.22
C GLY A 739 -13.66 -0.86 -0.05
N MET A 740 -12.97 -0.50 1.02
CA MET A 740 -12.66 0.90 1.30
C MET A 740 -11.47 1.03 2.25
N TYR A 741 -10.56 1.94 1.90
CA TYR A 741 -9.52 2.42 2.76
C TYR A 741 -10.12 3.64 3.52
N TYR A 742 -9.61 4.87 3.39
CA TYR A 742 -10.32 6.01 4.02
C TYR A 742 -11.58 6.43 3.30
N LEU A 743 -12.58 6.87 4.07
CA LEU A 743 -13.68 7.65 3.51
C LEU A 743 -13.38 9.13 3.71
N ARG A 744 -13.22 9.86 2.60
CA ARG A 744 -13.09 11.31 2.65
C ARG A 744 -14.38 11.97 2.17
N THR A 745 -14.79 13.04 2.88
CA THR A 745 -16.03 13.77 2.61
C THR A 745 -15.80 15.28 2.61
N GLN A 746 -16.87 16.03 2.32
CA GLN A 746 -16.91 17.52 2.22
C GLN A 746 -16.83 17.99 0.76
#